data_4WV8
#
_entry.id   4WV8
#
_cell.length_a   152.644
_cell.length_b   97.427
_cell.length_c   78.667
_cell.angle_alpha   90.000
_cell.angle_beta   94.680
_cell.angle_gamma   90.000
#
_symmetry.space_group_name_H-M   'C 1 2 1'
#
loop_
_entity.id
_entity.type
_entity.pdbx_description
1 polymer 'Seed lectin'
2 branched beta-D-galactopyranose-(1-4)-alpha-D-glucopyranose
3 non-polymer 'CALCIUM ION'
4 non-polymer 'MANGANESE (II) ION'
5 water water
#
_entity_poly.entity_id   1
_entity_poly.type   'polypeptide(L)'
_entity_poly.pdbx_seq_one_letter_code
;MSEVVSFSFTKFNPNPKDIILQGDALVTSKGKLQLTKVKDGKPVDHSLGRALYAAPIHIWDDSTDRVASFATSFSFVVEA
PDESKTADGIAFFLAPPDTQPQKDGGFLGLFNDSNKSIQTVAVEFDTFSNTWDPSARHIGINVNSIESMKYVKWGWENGK
VANVYISYEASTKTLTASLTYPSNATSYIVSANVDLKSALPEWVRVGFSATSGLSRDHVETHDVLDWSFTSTLQAPSDDS
N
;
_entity_poly.pdbx_strand_id   A,B,C,D
#
loop_
_chem_comp.id
_chem_comp.type
_chem_comp.name
_chem_comp.formula
CA non-polymer 'CALCIUM ION' 'Ca 2'
GAL D-saccharide, beta linking beta-D-galactopyranose 'C6 H12 O6'
GLC D-saccharide, alpha linking alpha-D-glucopyranose 'C6 H12 O6'
MN non-polymer 'MANGANESE (II) ION' 'Mn 2'
#
# COMPACT_ATOMS: atom_id res chain seq x y z
N MET A 1 -10.55 -7.58 -13.97
CA MET A 1 -11.27 -7.13 -12.78
C MET A 1 -10.30 -7.22 -11.52
N SER A 2 -9.97 -6.30 -10.59
N SER A 2 -10.07 -6.37 -10.67
CA SER A 2 -9.16 -6.50 -9.41
CA SER A 2 -9.20 -6.47 -9.54
C SER A 2 -10.00 -6.18 -8.18
C SER A 2 -9.90 -6.12 -8.18
N GLU A 3 -9.78 -6.96 -7.17
CA GLU A 3 -10.35 -6.75 -5.83
C GLU A 3 -9.19 -6.91 -4.86
N VAL A 4 -8.83 -5.88 -4.07
CA VAL A 4 -7.68 -5.96 -3.18
C VAL A 4 -8.17 -5.64 -1.78
N VAL A 5 -7.74 -6.43 -0.78
N VAL A 5 -7.69 -6.40 -0.79
CA VAL A 5 -8.07 -6.16 0.63
CA VAL A 5 -7.97 -6.08 0.61
C VAL A 5 -6.80 -6.29 1.49
C VAL A 5 -6.70 -6.20 1.43
N SER A 6 -6.59 -5.30 2.36
N SER A 6 -6.53 -5.27 2.37
CA SER A 6 -5.41 -5.30 3.24
CA SER A 6 -5.41 -5.36 3.28
C SER A 6 -5.85 -4.86 4.64
C SER A 6 -5.79 -4.83 4.65
N PHE A 7 -5.31 -5.48 5.68
CA PHE A 7 -5.46 -4.94 7.02
C PHE A 7 -4.19 -5.22 7.88
N SER A 8 -3.94 -4.37 8.88
N SER A 8 -3.93 -4.37 8.88
CA SER A 8 -2.73 -4.52 9.73
CA SER A 8 -2.77 -4.60 9.76
C SER A 8 -3.11 -3.98 11.15
C SER A 8 -3.01 -3.94 11.14
N PHE A 9 -2.74 -4.68 12.20
CA PHE A 9 -2.91 -4.22 13.54
C PHE A 9 -1.57 -4.48 14.29
N THR A 10 -0.97 -3.45 14.89
CA THR A 10 0.29 -3.63 15.65
C THR A 10 0.02 -4.23 17.04
N LYS A 11 -1.23 -4.12 17.45
CA LYS A 11 -1.78 -4.85 18.59
C LYS A 11 -3.29 -4.72 18.48
N PHE A 12 -4.03 -5.50 19.28
CA PHE A 12 -5.48 -5.59 19.13
C PHE A 12 -6.15 -4.72 20.15
N ASN A 13 -7.20 -4.01 19.75
CA ASN A 13 -8.00 -3.25 20.72
C ASN A 13 -8.75 -4.28 21.59
N PRO A 14 -9.01 -3.97 22.86
CA PRO A 14 -9.63 -5.02 23.67
C PRO A 14 -11.09 -5.43 23.36
N ASN A 15 -11.83 -4.61 22.62
CA ASN A 15 -13.18 -5.00 22.16
C ASN A 15 -13.21 -4.82 20.62
N PRO A 16 -12.60 -5.77 19.90
CA PRO A 16 -12.35 -5.47 18.47
C PRO A 16 -13.54 -5.83 17.62
N LYS A 17 -14.28 -4.82 17.14
CA LYS A 17 -15.50 -5.06 16.41
C LYS A 17 -15.30 -5.63 15.00
N ASP A 18 -14.08 -5.60 14.52
CA ASP A 18 -13.68 -6.20 13.25
C ASP A 18 -13.05 -7.65 13.33
N ILE A 19 -13.11 -8.25 14.51
CA ILE A 19 -12.70 -9.64 14.74
C ILE A 19 -13.87 -10.41 15.32
N ILE A 20 -14.15 -11.56 14.74
CA ILE A 20 -15.17 -12.49 15.23
C ILE A 20 -14.42 -13.43 16.16
N LEU A 21 -14.72 -13.34 17.46
CA LEU A 21 -14.09 -14.23 18.47
C LEU A 21 -14.99 -15.44 18.66
N GLN A 22 -14.40 -16.64 18.67
CA GLN A 22 -15.11 -17.89 18.83
C GLN A 22 -14.50 -18.66 19.99
N GLY A 23 -15.34 -19.43 20.66
CA GLY A 23 -14.91 -20.30 21.77
C GLY A 23 -14.41 -19.43 22.90
N ASP A 24 -13.23 -19.76 23.38
CA ASP A 24 -12.65 -19.10 24.55
C ASP A 24 -11.82 -17.85 24.23
N ALA A 25 -11.67 -17.53 22.95
CA ALA A 25 -10.79 -16.42 22.54
C ALA A 25 -11.19 -15.06 23.10
N LEU A 26 -10.19 -14.28 23.50
CA LEU A 26 -10.43 -12.93 23.97
C LEU A 26 -9.23 -12.06 23.69
N VAL A 27 -9.42 -10.74 23.79
CA VAL A 27 -8.26 -9.83 23.75
C VAL A 27 -8.02 -9.32 25.16
N THR A 28 -6.79 -9.43 25.61
CA THR A 28 -6.39 -8.93 26.93
C THR A 28 -6.40 -7.39 27.04
N SER A 29 -6.37 -6.88 28.27
CA SER A 29 -6.33 -5.46 28.45
C SER A 29 -5.10 -4.83 27.82
N LYS A 30 -4.03 -5.59 27.60
CA LYS A 30 -2.82 -5.07 26.99
C LYS A 30 -2.78 -5.30 25.48
N GLY A 31 -3.86 -5.84 24.95
CA GLY A 31 -4.01 -5.94 23.49
C GLY A 31 -3.46 -7.20 22.88
N LYS A 32 -3.30 -8.29 23.65
CA LYS A 32 -2.89 -9.61 23.07
C LYS A 32 -4.10 -10.43 22.78
N LEU A 33 -4.11 -11.08 21.63
CA LEU A 33 -5.18 -12.06 21.30
C LEU A 33 -4.86 -13.38 21.94
N GLN A 34 -5.54 -13.65 23.06
CA GLN A 34 -5.37 -14.85 23.86
C GLN A 34 -6.38 -15.90 23.41
N LEU A 35 -5.92 -16.82 22.60
CA LEU A 35 -6.83 -17.75 21.98
C LEU A 35 -7.39 -18.75 22.99
N THR A 36 -6.57 -19.19 23.93
CA THR A 36 -6.92 -20.23 24.88
C THR A 36 -6.76 -19.69 26.28
N LYS A 37 -7.62 -20.22 27.16
CA LYS A 37 -7.83 -19.66 28.47
C LYS A 37 -6.60 -19.63 29.39
N VAL A 38 -6.53 -18.60 30.23
CA VAL A 38 -5.37 -18.39 31.16
C VAL A 38 -6.11 -17.96 32.42
N LYS A 39 -5.82 -18.60 33.55
CA LYS A 39 -6.39 -18.27 34.85
C LYS A 39 -5.25 -18.12 35.84
N ASP A 40 -5.23 -16.96 36.48
CA ASP A 40 -4.24 -16.62 37.51
C ASP A 40 -2.86 -16.91 36.97
N GLY A 41 -2.67 -16.52 35.72
CA GLY A 41 -1.38 -16.58 35.07
C GLY A 41 -1.00 -17.95 34.47
N LYS A 42 -1.88 -18.94 34.60
CA LYS A 42 -1.57 -20.32 34.18
C LYS A 42 -2.48 -20.67 33.04
N PRO A 43 -1.93 -21.30 32.00
CA PRO A 43 -2.84 -21.74 30.93
C PRO A 43 -3.72 -22.91 31.38
N VAL A 44 -4.96 -22.96 30.87
CA VAL A 44 -5.96 -23.94 31.31
C VAL A 44 -6.20 -24.96 30.20
N ASP A 45 -6.40 -26.20 30.61
CA ASP A 45 -6.69 -27.36 29.76
C ASP A 45 -8.11 -27.28 29.19
N HIS A 46 -8.37 -28.12 28.21
CA HIS A 46 -9.65 -28.19 27.54
C HIS A 46 -10.18 -26.86 27.04
N SER A 47 -9.30 -26.07 26.41
CA SER A 47 -9.65 -24.79 25.86
C SER A 47 -9.55 -24.84 24.32
N LEU A 48 -10.43 -24.11 23.67
CA LEU A 48 -10.46 -23.98 22.22
C LEU A 48 -10.87 -22.50 21.98
N GLY A 49 -10.08 -21.75 21.22
CA GLY A 49 -10.48 -20.44 20.74
C GLY A 49 -10.08 -20.16 19.30
N ARG A 50 -10.87 -19.35 18.66
CA ARG A 50 -10.57 -18.94 17.28
C ARG A 50 -10.88 -17.45 17.13
N ALA A 51 -10.40 -16.84 16.04
CA ALA A 51 -10.63 -15.45 15.74
C ALA A 51 -10.55 -15.29 14.22
N LEU A 52 -11.54 -14.61 13.63
CA LEU A 52 -11.60 -14.38 12.22
C LEU A 52 -11.75 -12.90 11.91
N TYR A 53 -11.18 -12.43 10.81
CA TYR A 53 -11.40 -11.02 10.41
C TYR A 53 -12.84 -10.90 9.95
N ALA A 54 -13.49 -9.77 10.24
CA ALA A 54 -14.91 -9.60 9.93
C ALA A 54 -15.27 -9.72 8.44
N ALA A 55 -14.48 -9.16 7.53
CA ALA A 55 -14.83 -9.24 6.08
C ALA A 55 -14.39 -10.54 5.45
N PRO A 56 -15.32 -11.21 4.78
CA PRO A 56 -14.91 -12.30 3.92
C PRO A 56 -13.98 -11.85 2.80
N ILE A 57 -13.10 -12.75 2.37
CA ILE A 57 -12.06 -12.49 1.38
C ILE A 57 -12.44 -13.28 0.16
N HIS A 58 -12.33 -12.63 -0.97
CA HIS A 58 -12.69 -13.26 -2.27
C HIS A 58 -11.42 -13.96 -2.86
N ILE A 59 -11.34 -15.28 -2.68
CA ILE A 59 -10.12 -16.01 -3.06
C ILE A 59 -10.09 -16.66 -4.44
N TRP A 60 -11.24 -16.88 -5.05
CA TRP A 60 -11.30 -17.27 -6.44
C TRP A 60 -12.67 -16.95 -7.01
N ASP A 61 -12.74 -16.91 -8.35
CA ASP A 61 -13.98 -16.53 -9.04
C ASP A 61 -14.08 -17.38 -10.30
N ASP A 62 -15.04 -18.30 -10.30
CA ASP A 62 -15.23 -19.24 -11.39
C ASP A 62 -15.45 -18.57 -12.76
N SER A 63 -16.29 -17.54 -12.81
CA SER A 63 -16.66 -16.95 -14.10
C SER A 63 -15.51 -16.19 -14.74
N THR A 64 -14.53 -15.75 -13.97
CA THR A 64 -13.47 -14.96 -14.57
C THR A 64 -12.15 -15.66 -14.49
N ASP A 65 -12.10 -16.88 -14.02
CA ASP A 65 -10.85 -17.60 -14.00
C ASP A 65 -9.76 -16.98 -13.11
N ARG A 66 -10.16 -16.25 -12.09
CA ARG A 66 -9.21 -15.60 -11.15
C ARG A 66 -9.04 -16.44 -9.89
N VAL A 67 -7.83 -16.39 -9.34
CA VAL A 67 -7.52 -17.00 -8.02
C VAL A 67 -6.59 -16.00 -7.32
N ALA A 68 -6.82 -15.78 -6.06
CA ALA A 68 -6.09 -14.76 -5.29
C ALA A 68 -4.66 -15.20 -4.95
N SER A 69 -3.76 -14.22 -4.92
CA SER A 69 -2.48 -14.38 -4.25
C SER A 69 -2.66 -13.63 -2.93
N PHE A 70 -2.08 -14.18 -1.86
CA PHE A 70 -2.17 -13.51 -0.54
C PHE A 70 -0.92 -13.66 0.26
N ALA A 71 -0.79 -12.79 1.28
CA ALA A 71 0.34 -12.90 2.24
C ALA A 71 -0.09 -12.43 3.60
N THR A 72 0.43 -13.07 4.64
CA THR A 72 0.11 -12.74 5.98
C THR A 72 1.36 -12.84 6.89
N SER A 73 1.44 -11.94 7.88
CA SER A 73 2.50 -11.94 8.87
C SER A 73 1.83 -11.78 10.25
N PHE A 74 2.39 -12.47 11.24
CA PHE A 74 1.98 -12.30 12.60
C PHE A 74 3.06 -12.81 13.51
N SER A 75 2.99 -12.35 14.76
CA SER A 75 3.87 -12.87 15.83
C SER A 75 3.04 -13.60 16.88
N PHE A 76 3.56 -14.67 17.45
CA PHE A 76 2.84 -15.40 18.49
C PHE A 76 3.77 -15.95 19.53
N VAL A 77 3.21 -16.29 20.67
CA VAL A 77 3.94 -16.94 21.74
C VAL A 77 3.16 -18.18 22.18
N VAL A 78 3.89 -19.26 22.46
CA VAL A 78 3.35 -20.45 23.16
C VAL A 78 4.24 -20.67 24.37
N GLU A 79 3.63 -20.51 25.54
CA GLU A 79 4.34 -20.58 26.84
C GLU A 79 3.74 -21.70 27.69
N ALA A 80 4.61 -22.62 28.11
CA ALA A 80 4.21 -23.82 28.87
C ALA A 80 4.94 -23.88 30.22
N PRO A 81 4.19 -24.18 31.29
CA PRO A 81 4.91 -24.35 32.56
C PRO A 81 5.82 -25.58 32.61
N ASP A 82 5.50 -26.62 31.85
CA ASP A 82 6.34 -27.81 31.80
C ASP A 82 6.70 -28.10 30.36
N GLU A 83 7.94 -27.77 30.01
CA GLU A 83 8.36 -27.96 28.62
C GLU A 83 8.25 -29.35 28.07
N SER A 84 8.15 -30.36 28.91
CA SER A 84 8.04 -31.73 28.46
C SER A 84 6.60 -32.19 28.20
N LYS A 85 5.60 -31.35 28.55
CA LYS A 85 4.14 -31.68 28.45
C LYS A 85 3.37 -30.49 27.85
N THR A 86 3.35 -30.47 26.52
CA THR A 86 2.77 -29.35 25.74
C THR A 86 1.67 -29.88 24.81
N ALA A 87 0.53 -29.21 24.79
CA ALA A 87 -0.51 -29.51 23.81
C ALA A 87 -1.43 -28.32 23.68
N ASP A 88 -2.20 -28.17 22.58
CA ASP A 88 -2.11 -28.94 21.31
C ASP A 88 -1.52 -28.11 20.15
N GLY A 89 -1.70 -26.78 20.15
CA GLY A 89 -1.09 -26.00 19.05
C GLY A 89 -1.97 -24.86 18.62
N ILE A 90 -1.42 -24.12 17.64
CA ILE A 90 -2.05 -22.90 17.14
C ILE A 90 -1.95 -22.98 15.61
N ALA A 91 -2.88 -22.35 14.91
CA ALA A 91 -2.86 -22.36 13.46
C ALA A 91 -3.43 -21.09 12.79
N PHE A 92 -2.95 -20.77 11.60
CA PHE A 92 -3.52 -19.73 10.78
C PHE A 92 -4.39 -20.53 9.78
N PHE A 93 -5.59 -20.05 9.47
CA PHE A 93 -6.44 -20.80 8.55
C PHE A 93 -7.38 -19.98 7.68
N LEU A 94 -7.89 -20.65 6.61
CA LEU A 94 -8.94 -20.12 5.73
C LEU A 94 -10.06 -21.14 5.71
N ALA A 95 -11.30 -20.69 5.77
CA ALA A 95 -12.47 -21.57 5.84
C ALA A 95 -13.67 -20.83 5.29
N PRO A 96 -14.78 -21.53 5.08
CA PRO A 96 -15.97 -20.81 4.59
C PRO A 96 -16.40 -19.74 5.49
N PRO A 97 -17.10 -18.72 4.98
CA PRO A 97 -17.32 -17.61 5.91
C PRO A 97 -18.11 -17.86 7.15
N ASP A 98 -19.02 -18.83 7.14
CA ASP A 98 -19.83 -19.12 8.34
C ASP A 98 -19.15 -20.21 9.23
N THR A 99 -17.86 -20.42 9.02
CA THR A 99 -17.08 -21.39 9.78
C THR A 99 -17.30 -21.22 11.31
N GLN A 100 -17.50 -22.37 11.96
CA GLN A 100 -17.59 -22.52 13.38
C GLN A 100 -16.55 -23.48 13.92
N PRO A 101 -16.27 -23.38 15.24
CA PRO A 101 -15.32 -24.30 15.82
C PRO A 101 -15.63 -25.79 15.61
N GLN A 102 -14.58 -26.59 15.33
CA GLN A 102 -14.71 -28.03 15.06
C GLN A 102 -13.96 -28.69 16.20
N LYS A 103 -13.72 -30.01 16.17
CA LYS A 103 -13.15 -30.70 17.36
C LYS A 103 -11.92 -30.13 18.10
N ASP A 104 -11.90 -30.35 19.42
CA ASP A 104 -10.88 -29.82 20.29
C ASP A 104 -9.61 -30.69 20.30
N GLY A 105 -8.73 -30.44 21.27
CA GLY A 105 -7.54 -31.24 21.37
C GLY A 105 -6.70 -31.23 20.11
N GLY A 106 -6.29 -32.42 19.67
CA GLY A 106 -5.41 -32.58 18.51
C GLY A 106 -5.99 -32.05 17.19
N PHE A 107 -7.29 -31.84 17.16
CA PHE A 107 -7.96 -31.36 15.97
C PHE A 107 -7.90 -29.83 15.86
N LEU A 108 -7.34 -29.17 16.90
CA LEU A 108 -6.96 -27.74 16.82
C LEU A 108 -8.13 -26.75 16.59
N GLY A 109 -9.35 -27.23 16.80
CA GLY A 109 -10.56 -26.41 16.53
C GLY A 109 -10.89 -26.31 15.07
N LEU A 110 -10.11 -26.98 14.22
CA LEU A 110 -10.23 -26.87 12.78
C LEU A 110 -10.89 -28.05 12.06
N PHE A 111 -10.57 -29.28 12.49
CA PHE A 111 -11.00 -30.47 11.80
C PHE A 111 -11.78 -31.38 12.73
N ASN A 112 -12.19 -32.54 12.22
CA ASN A 112 -12.88 -33.50 13.09
C ASN A 112 -12.70 -34.93 12.58
N ASP A 113 -13.18 -35.88 13.35
CA ASP A 113 -12.90 -37.30 13.11
C ASP A 113 -14.17 -38.00 12.64
N SER A 114 -15.10 -37.27 12.06
CA SER A 114 -16.31 -37.83 11.46
C SER A 114 -16.06 -38.14 9.98
N ASN A 115 -17.03 -38.80 9.37
CA ASN A 115 -17.03 -39.06 7.93
C ASN A 115 -17.10 -37.87 7.02
N LYS A 116 -17.73 -36.78 7.47
CA LYS A 116 -17.96 -35.59 6.63
C LYS A 116 -16.69 -34.68 6.60
N SER A 117 -16.07 -34.50 5.42
CA SER A 117 -14.86 -33.68 5.35
C SER A 117 -15.25 -32.19 5.46
N ILE A 118 -14.26 -31.41 5.87
CA ILE A 118 -14.39 -30.02 6.28
C ILE A 118 -13.58 -29.26 5.21
N GLN A 119 -14.05 -28.10 4.72
CA GLN A 119 -13.21 -27.29 3.86
C GLN A 119 -12.43 -26.35 4.78
N THR A 120 -11.13 -26.53 4.90
CA THR A 120 -10.30 -25.59 5.67
C THR A 120 -8.87 -25.85 5.23
N VAL A 121 -8.16 -24.76 4.91
CA VAL A 121 -6.72 -24.84 4.65
C VAL A 121 -6.00 -24.14 5.79
N ALA A 122 -4.97 -24.77 6.34
CA ALA A 122 -4.31 -24.23 7.50
C ALA A 122 -2.81 -24.41 7.48
N VAL A 123 -2.13 -23.53 8.20
CA VAL A 123 -0.70 -23.72 8.59
C VAL A 123 -0.74 -23.88 10.10
N GLU A 124 -0.37 -25.07 10.57
CA GLU A 124 -0.41 -25.44 12.00
C GLU A 124 1.01 -25.46 12.60
N PHE A 125 1.08 -25.04 13.85
CA PHE A 125 2.24 -25.05 14.66
C PHE A 125 1.83 -26.01 15.77
N ASP A 126 2.22 -27.26 15.61
CA ASP A 126 1.71 -28.40 16.36
C ASP A 126 2.67 -28.83 17.44
N THR A 127 2.21 -28.75 18.69
CA THR A 127 3.06 -29.03 19.88
C THR A 127 2.92 -30.44 20.51
N PHE A 128 2.05 -31.26 19.93
CA PHE A 128 1.67 -32.56 20.52
C PHE A 128 1.50 -33.62 19.44
N SER A 129 2.24 -34.73 19.59
CA SER A 129 2.20 -35.78 18.55
C SER A 129 1.04 -36.73 18.74
N ASN A 130 -0.01 -36.50 17.97
CA ASN A 130 -1.15 -37.39 17.83
C ASN A 130 -0.83 -38.60 16.96
N THR A 131 -1.78 -39.54 16.89
CA THR A 131 -1.53 -40.75 16.09
C THR A 131 -1.16 -40.44 14.66
N TRP A 132 -1.66 -39.34 14.10
CA TRP A 132 -1.51 -39.01 12.69
C TRP A 132 -0.29 -38.07 12.44
N ASP A 133 0.41 -37.74 13.50
CA ASP A 133 1.53 -36.77 13.47
C ASP A 133 2.91 -37.45 13.44
N PRO A 134 3.94 -36.72 12.91
CA PRO A 134 5.31 -37.13 13.16
C PRO A 134 5.62 -37.01 14.67
N SER A 135 6.71 -37.62 15.12
CA SER A 135 7.05 -37.54 16.54
C SER A 135 7.46 -36.13 17.03
N ALA A 136 8.11 -35.36 16.22
CA ALA A 136 8.65 -34.06 16.67
C ALA A 136 7.49 -33.01 16.61
N ARG A 137 7.62 -31.96 17.43
CA ARG A 137 6.85 -30.73 17.14
C ARG A 137 7.15 -30.28 15.69
N HIS A 138 6.14 -29.72 15.01
CA HIS A 138 6.26 -29.48 13.62
C HIS A 138 5.37 -28.30 13.16
N ILE A 139 5.77 -27.73 12.04
CA ILE A 139 4.94 -26.80 11.25
C ILE A 139 4.39 -27.53 10.05
N GLY A 140 3.07 -27.61 9.96
CA GLY A 140 2.44 -28.37 8.87
C GLY A 140 1.57 -27.51 7.96
N ILE A 141 1.43 -27.95 6.72
CA ILE A 141 0.44 -27.45 5.77
C ILE A 141 -0.65 -28.52 5.64
N ASN A 142 -1.88 -28.06 5.91
CA ASN A 142 -3.03 -28.94 6.06
C ASN A 142 -4.12 -28.51 5.09
N VAL A 143 -4.57 -29.48 4.29
CA VAL A 143 -5.60 -29.20 3.29
C VAL A 143 -6.76 -30.15 3.53
N ASN A 144 -7.81 -29.67 4.16
CA ASN A 144 -9.01 -30.42 4.45
C ASN A 144 -8.78 -31.75 5.24
N SER A 145 -7.75 -31.76 6.08
CA SER A 145 -7.42 -32.89 6.92
C SER A 145 -6.53 -32.45 8.04
N ILE A 146 -6.75 -33.01 9.22
CA ILE A 146 -5.76 -32.81 10.34
C ILE A 146 -4.39 -33.45 10.09
N GLU A 147 -4.31 -34.39 9.16
N GLU A 147 -4.31 -34.41 9.17
CA GLU A 147 -3.05 -34.97 8.74
CA GLU A 147 -3.02 -34.96 8.74
C GLU A 147 -2.38 -34.08 7.68
C GLU A 147 -2.37 -34.08 7.68
N SER A 148 -1.20 -33.52 8.00
CA SER A 148 -0.57 -32.51 7.12
C SER A 148 -0.16 -33.13 5.80
N MET A 149 -0.28 -32.35 4.73
CA MET A 149 0.19 -32.77 3.42
C MET A 149 1.71 -32.65 3.35
N LYS A 150 2.28 -31.78 4.17
CA LYS A 150 3.73 -31.61 4.22
C LYS A 150 4.10 -30.87 5.49
N TYR A 151 5.24 -31.19 6.10
CA TYR A 151 5.57 -30.55 7.37
C TYR A 151 7.07 -30.44 7.47
N VAL A 152 7.53 -29.58 8.37
CA VAL A 152 8.93 -29.46 8.77
C VAL A 152 8.98 -29.57 10.31
N LYS A 153 10.00 -30.28 10.78
CA LYS A 153 10.25 -30.26 12.22
C LYS A 153 10.53 -28.90 12.72
N TRP A 154 10.04 -28.64 13.92
CA TRP A 154 10.03 -27.32 14.53
C TRP A 154 10.61 -27.31 15.94
N GLY A 155 11.67 -26.53 16.10
CA GLY A 155 12.27 -26.25 17.40
C GLY A 155 11.55 -25.20 18.20
N TRP A 156 10.46 -25.59 18.85
CA TRP A 156 9.63 -24.66 19.65
C TRP A 156 10.45 -24.10 20.77
N GLU A 157 10.40 -22.76 20.92
CA GLU A 157 11.08 -22.07 22.00
C GLU A 157 10.06 -21.52 22.97
N ASN A 158 10.10 -22.12 24.16
CA ASN A 158 9.14 -21.82 25.21
C ASN A 158 9.08 -20.34 25.59
N GLY A 159 7.93 -19.71 25.41
CA GLY A 159 7.71 -18.28 25.80
C GLY A 159 8.41 -17.23 24.96
N LYS A 160 9.03 -17.63 23.88
CA LYS A 160 9.67 -16.69 22.96
C LYS A 160 8.76 -16.27 21.81
N VAL A 161 8.94 -15.04 21.38
CA VAL A 161 8.16 -14.55 20.23
C VAL A 161 8.57 -15.16 18.94
N ALA A 162 7.62 -15.74 18.22
CA ALA A 162 7.85 -16.28 16.89
C ALA A 162 7.22 -15.37 15.87
N ASN A 163 7.99 -15.11 14.79
CA ASN A 163 7.54 -14.26 13.67
C ASN A 163 7.20 -15.20 12.54
N VAL A 164 5.95 -15.13 12.06
CA VAL A 164 5.50 -15.98 10.95
C VAL A 164 5.24 -15.16 9.71
N TYR A 165 5.63 -15.70 8.57
CA TYR A 165 5.23 -15.17 7.27
C TYR A 165 4.70 -16.33 6.40
N ILE A 166 3.51 -16.11 5.83
CA ILE A 166 2.89 -17.12 4.97
C ILE A 166 2.48 -16.43 3.67
N SER A 167 2.85 -17.03 2.53
CA SER A 167 2.44 -16.48 1.25
C SER A 167 1.83 -17.55 0.36
N TYR A 168 0.94 -17.15 -0.54
CA TYR A 168 0.40 -18.00 -1.55
C TYR A 168 0.48 -17.31 -2.92
N GLU A 169 1.15 -17.99 -3.85
CA GLU A 169 1.41 -17.53 -5.21
C GLU A 169 0.44 -18.26 -6.11
N ALA A 170 -0.62 -17.60 -6.53
CA ALA A 170 -1.67 -18.31 -7.30
C ALA A 170 -1.17 -18.93 -8.59
N SER A 171 -0.31 -18.21 -9.27
CA SER A 171 0.21 -18.67 -10.55
C SER A 171 0.91 -20.01 -10.53
N THR A 172 1.49 -20.41 -9.41
CA THR A 172 2.19 -21.71 -9.31
C THR A 172 1.56 -22.62 -8.27
N LYS A 173 0.47 -22.12 -7.63
CA LYS A 173 -0.25 -22.81 -6.56
C LYS A 173 0.69 -23.13 -5.37
N THR A 174 1.62 -22.24 -5.09
CA THR A 174 2.63 -22.55 -4.06
C THR A 174 2.26 -21.81 -2.75
N LEU A 175 2.06 -22.58 -1.68
CA LEU A 175 1.87 -22.03 -0.31
C LEU A 175 3.17 -22.22 0.45
N THR A 176 3.69 -21.12 1.02
CA THR A 176 4.96 -21.18 1.76
C THR A 176 4.74 -20.58 3.18
N ALA A 177 5.22 -21.25 4.19
CA ALA A 177 5.14 -20.81 5.55
C ALA A 177 6.54 -20.81 6.18
N SER A 178 6.91 -19.71 6.84
CA SER A 178 8.12 -19.62 7.59
C SER A 178 7.87 -19.14 9.04
N LEU A 179 8.73 -19.60 9.92
CA LEU A 179 8.82 -19.13 11.32
C LEU A 179 10.25 -18.78 11.68
N THR A 180 10.39 -17.64 12.34
CA THR A 180 11.68 -17.17 12.84
C THR A 180 11.55 -16.75 14.30
N TYR A 181 12.51 -17.19 15.11
CA TYR A 181 12.66 -16.62 16.45
C TYR A 181 13.74 -15.53 16.43
N PRO A 182 13.34 -14.26 16.57
CA PRO A 182 14.43 -13.23 16.64
C PRO A 182 15.38 -13.45 17.82
N SER A 183 14.88 -13.98 18.93
CA SER A 183 15.72 -14.20 20.14
C SER A 183 16.99 -15.06 19.92
N ASN A 184 16.94 -16.04 19.03
CA ASN A 184 18.13 -16.80 18.66
C ASN A 184 18.37 -16.86 17.14
N ALA A 185 17.68 -16.03 16.34
CA ALA A 185 17.82 -15.97 14.87
C ALA A 185 17.78 -17.34 14.22
N THR A 186 16.84 -18.16 14.68
N THR A 186 16.88 -18.16 14.73
CA THR A 186 16.65 -19.49 14.12
CA THR A 186 16.62 -19.47 14.13
C THR A 186 15.31 -19.60 13.40
C THR A 186 15.32 -19.47 13.33
N SER A 187 15.34 -20.17 12.20
CA SER A 187 14.15 -20.16 11.29
C SER A 187 13.82 -21.55 10.74
N TYR A 188 12.60 -21.71 10.26
CA TYR A 188 12.04 -22.97 9.76
C TYR A 188 11.15 -22.58 8.59
N ILE A 189 11.07 -23.42 7.56
CA ILE A 189 10.21 -23.09 6.42
C ILE A 189 9.70 -24.40 5.83
N VAL A 190 8.47 -24.34 5.28
CA VAL A 190 7.91 -25.44 4.51
C VAL A 190 7.00 -24.90 3.43
N SER A 191 6.96 -25.58 2.28
CA SER A 191 6.08 -25.18 1.17
C SER A 191 5.33 -26.41 0.61
N ALA A 192 4.22 -26.14 -0.05
CA ALA A 192 3.37 -27.18 -0.64
C ALA A 192 2.64 -26.63 -1.84
N ASN A 193 2.37 -27.52 -2.80
CA ASN A 193 1.48 -27.19 -3.93
C ASN A 193 0.05 -27.39 -3.51
N VAL A 194 -0.70 -26.31 -3.49
CA VAL A 194 -2.07 -26.30 -2.92
C VAL A 194 -2.99 -25.60 -3.91
N ASP A 195 -4.03 -26.32 -4.31
CA ASP A 195 -5.06 -25.78 -5.20
C ASP A 195 -6.21 -25.17 -4.41
N LEU A 196 -6.22 -23.85 -4.20
CA LEU A 196 -7.32 -23.22 -3.43
C LEU A 196 -8.68 -23.42 -4.02
N LYS A 197 -8.78 -23.43 -5.36
CA LYS A 197 -10.06 -23.60 -6.01
C LYS A 197 -10.72 -24.93 -5.68
N SER A 198 -9.97 -26.01 -5.49
N SER A 198 -9.93 -25.97 -5.48
CA SER A 198 -10.56 -27.31 -5.20
CA SER A 198 -10.47 -27.31 -5.22
C SER A 198 -10.74 -27.51 -3.70
C SER A 198 -10.69 -27.54 -3.73
N ALA A 199 -9.97 -26.79 -2.91
CA ALA A 199 -10.07 -27.01 -1.45
C ALA A 199 -11.08 -26.15 -0.73
N LEU A 200 -11.31 -24.93 -1.25
CA LEU A 200 -12.14 -23.96 -0.57
C LEU A 200 -13.24 -23.38 -1.46
N PRO A 201 -14.26 -22.76 -0.85
CA PRO A 201 -15.26 -22.01 -1.58
C PRO A 201 -14.67 -20.66 -2.08
N GLU A 202 -15.42 -19.95 -2.96
CA GLU A 202 -14.92 -18.71 -3.60
C GLU A 202 -14.67 -17.59 -2.61
N TRP A 203 -15.42 -17.55 -1.55
CA TRP A 203 -15.25 -16.59 -0.49
C TRP A 203 -14.88 -17.33 0.81
N VAL A 204 -13.94 -16.78 1.57
CA VAL A 204 -13.58 -17.38 2.86
C VAL A 204 -13.40 -16.36 3.93
N ARG A 205 -13.36 -16.80 5.21
CA ARG A 205 -12.85 -15.94 6.29
C ARG A 205 -11.48 -16.53 6.69
N VAL A 206 -10.62 -15.65 7.20
CA VAL A 206 -9.27 -15.96 7.59
C VAL A 206 -9.04 -15.56 9.04
N GLY A 207 -8.11 -16.31 9.66
CA GLY A 207 -7.74 -16.05 11.03
C GLY A 207 -7.00 -17.17 11.70
N PHE A 208 -7.25 -17.30 13.00
CA PHE A 208 -6.44 -18.18 13.85
C PHE A 208 -7.35 -19.16 14.66
N SER A 209 -6.76 -20.29 15.06
CA SER A 209 -7.41 -21.30 15.90
C SER A 209 -6.38 -21.95 16.78
N ALA A 210 -6.76 -22.26 17.99
CA ALA A 210 -5.86 -22.95 18.93
C ALA A 210 -6.58 -23.77 19.95
N THR A 211 -5.88 -24.80 20.43
CA THR A 211 -6.42 -25.61 21.51
C THR A 211 -5.36 -25.99 22.52
N SER A 212 -5.78 -26.07 23.77
CA SER A 212 -4.92 -26.59 24.83
C SER A 212 -5.24 -28.06 25.12
N GLY A 213 -4.33 -28.73 25.83
CA GLY A 213 -4.45 -30.19 25.96
C GLY A 213 -5.68 -30.72 26.72
N LEU A 214 -5.98 -32.00 26.48
CA LEU A 214 -7.13 -32.64 27.16
C LEU A 214 -6.72 -33.40 28.42
N SER A 215 -5.54 -33.07 28.98
CA SER A 215 -5.17 -33.47 30.33
C SER A 215 -4.71 -32.29 31.08
N ARG A 216 -4.86 -32.33 32.41
CA ARG A 216 -4.60 -31.15 33.18
C ARG A 216 -3.11 -30.73 33.16
N ASP A 217 -2.25 -31.69 32.85
CA ASP A 217 -0.81 -31.47 32.86
C ASP A 217 -0.24 -31.03 31.52
N HIS A 218 -1.05 -31.05 30.45
CA HIS A 218 -0.52 -30.65 29.14
C HIS A 218 -1.14 -29.32 28.71
N VAL A 219 -0.59 -28.22 29.23
CA VAL A 219 -1.17 -26.88 29.08
C VAL A 219 -0.10 -25.88 28.60
N GLU A 220 -0.55 -24.94 27.80
CA GLU A 220 0.32 -23.89 27.24
C GLU A 220 -0.58 -22.77 26.71
N THR A 221 -0.02 -21.57 26.55
CA THR A 221 -0.77 -20.48 25.99
C THR A 221 -0.65 -20.54 24.46
N HIS A 222 -1.54 -19.79 23.78
CA HIS A 222 -1.50 -19.58 22.33
C HIS A 222 -1.93 -18.13 22.09
N ASP A 223 -0.99 -17.21 22.15
CA ASP A 223 -1.30 -15.79 22.09
C ASP A 223 -0.73 -15.15 20.85
N VAL A 224 -1.56 -14.37 20.17
CA VAL A 224 -1.13 -13.67 18.95
C VAL A 224 -0.94 -12.21 19.27
N LEU A 225 0.19 -11.63 18.90
CA LEU A 225 0.58 -10.30 19.33
C LEU A 225 0.28 -9.20 18.30
N ASP A 226 0.25 -9.56 17.02
CA ASP A 226 -0.05 -8.62 15.96
C ASP A 226 -0.47 -9.39 14.72
N TRP A 227 -0.87 -8.71 13.68
CA TRP A 227 -1.35 -9.36 12.46
C TRP A 227 -1.48 -8.40 11.25
N SER A 228 -0.95 -8.83 10.12
N SER A 228 -0.93 -8.80 10.11
CA SER A 228 -1.11 -8.11 8.84
CA SER A 228 -1.15 -8.08 8.85
C SER A 228 -1.52 -9.17 7.80
C SER A 228 -1.51 -9.14 7.80
N PHE A 229 -2.42 -8.76 6.92
CA PHE A 229 -2.91 -9.61 5.86
C PHE A 229 -3.18 -8.76 4.60
N THR A 230 -2.91 -9.32 3.46
CA THR A 230 -3.27 -8.72 2.17
C THR A 230 -3.59 -9.81 1.14
N SER A 231 -4.64 -9.60 0.34
CA SER A 231 -4.97 -10.52 -0.73
C SER A 231 -5.41 -9.72 -1.97
N THR A 232 -5.02 -10.20 -3.16
CA THR A 232 -5.34 -9.57 -4.41
C THR A 232 -5.93 -10.62 -5.33
N LEU A 233 -7.12 -10.33 -5.88
CA LEU A 233 -7.79 -11.21 -6.83
C LEU A 233 -7.74 -10.45 -8.15
N GLN A 234 -6.96 -10.93 -9.09
CA GLN A 234 -6.84 -10.17 -10.32
C GLN A 234 -6.68 -11.15 -11.46
N ALA A 235 -6.75 -10.64 -12.65
CA ALA A 235 -6.74 -11.51 -13.81
C ALA A 235 -5.38 -12.20 -13.90
N PRO A 236 -5.36 -13.44 -14.40
CA PRO A 236 -4.06 -14.01 -14.73
C PRO A 236 -3.42 -13.32 -15.94
N MET B 1 0.21 0.51 18.09
CA MET B 1 -0.76 1.53 18.24
C MET B 1 -1.20 1.95 16.86
N SER B 2 -1.11 1.06 15.86
CA SER B 2 -1.67 1.40 14.56
C SER B 2 -2.56 0.29 14.02
N GLU B 3 -3.68 0.69 13.42
CA GLU B 3 -4.67 -0.20 12.84
C GLU B 3 -4.97 0.41 11.47
N VAL B 4 -4.65 -0.31 10.40
CA VAL B 4 -4.81 0.20 9.00
C VAL B 4 -5.67 -0.78 8.23
N VAL B 5 -6.67 -0.27 7.51
CA VAL B 5 -7.51 -1.11 6.66
C VAL B 5 -7.65 -0.44 5.29
N SER B 6 -7.57 -1.24 4.22
CA SER B 6 -7.70 -0.69 2.85
C SER B 6 -8.45 -1.75 2.02
N PHE B 7 -9.37 -1.33 1.20
CA PHE B 7 -9.89 -2.24 0.20
C PHE B 7 -10.15 -1.48 -1.13
N SER B 8 -10.11 -2.20 -2.26
N SER B 8 -10.08 -2.21 -2.26
CA SER B 8 -10.49 -1.61 -3.52
CA SER B 8 -10.32 -1.62 -3.58
C SER B 8 -11.10 -2.65 -4.46
C SER B 8 -11.00 -2.62 -4.55
N PHE B 9 -12.11 -2.19 -5.19
CA PHE B 9 -12.75 -3.02 -6.20
C PHE B 9 -12.80 -2.18 -7.48
N THR B 10 -12.35 -2.71 -8.63
CA THR B 10 -12.50 -2.02 -9.91
C THR B 10 -13.88 -2.19 -10.50
N LYS B 11 -14.63 -3.15 -9.98
CA LYS B 11 -16.10 -3.31 -10.24
C LYS B 11 -16.53 -4.33 -9.21
N PHE B 12 -17.82 -4.52 -9.02
CA PHE B 12 -18.30 -5.34 -7.92
C PHE B 12 -18.62 -6.69 -8.45
N ASN B 13 -18.30 -7.75 -7.71
CA ASN B 13 -18.75 -9.09 -8.09
C ASN B 13 -20.26 -9.18 -7.87
N PRO B 14 -20.99 -9.96 -8.68
CA PRO B 14 -22.46 -9.94 -8.53
C PRO B 14 -23.08 -10.49 -7.24
N ASN B 15 -22.33 -11.25 -6.49
CA ASN B 15 -22.81 -11.68 -5.19
C ASN B 15 -21.74 -11.39 -4.15
N PRO B 16 -21.55 -10.12 -3.80
CA PRO B 16 -20.40 -9.70 -3.04
C PRO B 16 -20.54 -9.93 -1.53
N LYS B 17 -19.87 -10.97 -1.03
CA LYS B 17 -20.06 -11.38 0.37
C LYS B 17 -19.42 -10.44 1.33
N ASP B 18 -18.60 -9.52 0.83
CA ASP B 18 -18.01 -8.46 1.68
C ASP B 18 -18.72 -7.09 1.67
N ILE B 19 -19.90 -7.08 1.05
CA ILE B 19 -20.76 -5.89 1.01
C ILE B 19 -22.11 -6.30 1.66
N ILE B 20 -22.56 -5.51 2.63
CA ILE B 20 -23.91 -5.63 3.18
C ILE B 20 -24.89 -4.80 2.36
N LEU B 21 -25.78 -5.46 1.64
CA LEU B 21 -26.77 -4.70 0.82
C LEU B 21 -28.04 -4.48 1.62
N GLN B 22 -28.59 -3.28 1.58
CA GLN B 22 -29.79 -2.96 2.30
C GLN B 22 -30.81 -2.32 1.37
N GLY B 23 -32.08 -2.51 1.73
CA GLY B 23 -33.18 -1.97 0.90
C GLY B 23 -33.23 -2.55 -0.50
N ASP B 24 -33.30 -1.71 -1.50
CA ASP B 24 -33.41 -2.15 -2.88
C ASP B 24 -32.05 -2.39 -3.56
N ALA B 25 -30.96 -2.06 -2.88
CA ALA B 25 -29.64 -2.17 -3.55
C ALA B 25 -29.31 -3.57 -4.07
N LEU B 26 -28.67 -3.63 -5.23
CA LEU B 26 -28.25 -4.93 -5.86
C LEU B 26 -27.03 -4.68 -6.70
N VAL B 27 -26.26 -5.73 -7.04
CA VAL B 27 -25.17 -5.59 -8.00
C VAL B 27 -25.66 -6.17 -9.29
N THR B 28 -25.53 -5.42 -10.39
CA THR B 28 -25.98 -5.94 -11.68
C THR B 28 -25.08 -7.07 -12.22
N SER B 29 -25.57 -7.80 -13.23
CA SER B 29 -24.72 -8.88 -13.81
C SER B 29 -23.39 -8.33 -14.37
N LYS B 30 -23.32 -7.03 -14.71
CA LYS B 30 -22.11 -6.38 -15.23
C LYS B 30 -21.24 -5.75 -14.14
N GLY B 31 -21.64 -5.93 -12.89
CA GLY B 31 -20.81 -5.45 -11.79
C GLY B 31 -21.02 -4.04 -11.28
N LYS B 32 -22.13 -3.42 -11.62
CA LYS B 32 -22.48 -2.11 -11.09
C LYS B 32 -23.31 -2.22 -9.83
N LEU B 33 -23.00 -1.39 -8.85
CA LEU B 33 -23.80 -1.32 -7.63
C LEU B 33 -24.97 -0.35 -7.91
N GLN B 34 -26.14 -0.94 -8.15
CA GLN B 34 -27.35 -0.20 -8.44
C GLN B 34 -28.11 0.04 -7.14
N LEU B 35 -27.98 1.23 -6.59
CA LEU B 35 -28.53 1.47 -5.23
C LEU B 35 -30.08 1.53 -5.28
N THR B 36 -30.64 2.10 -6.34
CA THR B 36 -32.09 2.30 -6.51
C THR B 36 -32.64 1.58 -7.70
N LYS B 37 -33.89 1.16 -7.58
CA LYS B 37 -34.47 0.19 -8.49
C LYS B 37 -34.58 0.69 -9.89
N VAL B 38 -34.38 -0.23 -10.82
CA VAL B 38 -34.53 0.05 -12.25
C VAL B 38 -35.39 -1.09 -12.80
N LYS B 39 -36.44 -0.77 -13.53
CA LYS B 39 -37.37 -1.77 -14.07
C LYS B 39 -37.55 -1.50 -15.53
N ASP B 40 -37.23 -2.48 -16.38
CA ASP B 40 -37.44 -2.34 -17.82
C ASP B 40 -36.65 -1.16 -18.31
N GLY B 41 -35.47 -0.99 -17.74
CA GLY B 41 -34.59 0.08 -18.14
C GLY B 41 -34.83 1.48 -17.62
N LYS B 42 -35.82 1.65 -16.77
CA LYS B 42 -36.23 2.94 -16.32
C LYS B 42 -36.11 2.93 -14.80
N PRO B 43 -35.59 4.01 -14.22
CA PRO B 43 -35.52 4.10 -12.76
C PRO B 43 -36.88 4.29 -12.13
N VAL B 44 -37.13 3.64 -10.99
CA VAL B 44 -38.44 3.60 -10.29
C VAL B 44 -38.47 4.53 -9.09
N ASP B 45 -39.65 5.10 -8.83
CA ASP B 45 -39.84 6.05 -7.74
C ASP B 45 -39.91 5.30 -6.38
N HIS B 46 -39.87 6.05 -5.28
CA HIS B 46 -39.97 5.53 -3.92
C HIS B 46 -38.95 4.42 -3.63
N SER B 47 -37.71 4.56 -4.10
CA SER B 47 -36.71 3.51 -3.92
C SER B 47 -35.68 4.04 -2.93
N LEU B 48 -35.13 3.13 -2.13
CA LEU B 48 -34.08 3.41 -1.16
C LEU B 48 -33.16 2.20 -1.18
N GLY B 49 -31.84 2.43 -1.33
CA GLY B 49 -30.86 1.34 -1.27
C GLY B 49 -29.60 1.81 -0.62
N ARG B 50 -28.95 0.93 0.12
CA ARG B 50 -27.68 1.27 0.75
C ARG B 50 -26.75 0.06 0.63
N ALA B 51 -25.47 0.32 0.84
CA ALA B 51 -24.46 -0.76 0.76
C ALA B 51 -23.31 -0.42 1.71
N LEU B 52 -22.86 -1.38 2.51
CA LEU B 52 -21.81 -1.15 3.49
C LEU B 52 -20.68 -2.18 3.35
N TYR B 53 -19.45 -1.77 3.58
CA TYR B 53 -18.37 -2.76 3.61
C TYR B 53 -18.58 -3.65 4.89
N ALA B 54 -18.26 -4.93 4.77
CA ALA B 54 -18.57 -5.90 5.82
C ALA B 54 -17.82 -5.64 7.11
N ALA B 55 -16.57 -5.21 7.03
CA ALA B 55 -15.84 -4.97 8.31
C ALA B 55 -16.04 -3.56 8.89
N PRO B 56 -16.37 -3.47 10.19
CA PRO B 56 -16.36 -2.20 10.85
C PRO B 56 -14.98 -1.59 10.81
N ILE B 57 -14.92 -0.25 10.85
CA ILE B 57 -13.71 0.53 10.77
C ILE B 57 -13.52 1.24 12.12
N HIS B 58 -12.32 1.16 12.65
CA HIS B 58 -12.01 1.78 13.94
C HIS B 58 -11.60 3.27 13.73
N ILE B 59 -12.52 4.21 13.99
CA ILE B 59 -12.24 5.62 13.65
C ILE B 59 -11.79 6.51 14.78
N TRP B 60 -12.00 6.08 16.02
CA TRP B 60 -11.33 6.74 17.14
C TRP B 60 -11.23 5.82 18.34
N ASP B 61 -10.22 6.02 19.20
N ASP B 61 -10.36 6.17 19.29
CA ASP B 61 -10.11 5.29 20.45
CA ASP B 61 -10.09 5.30 20.45
C ASP B 61 -9.88 6.21 21.62
C ASP B 61 -9.88 6.23 21.63
N ASP B 62 -10.80 6.21 22.57
CA ASP B 62 -10.73 7.18 23.68
C ASP B 62 -9.43 6.95 24.53
N SER B 63 -9.18 5.70 24.90
CA SER B 63 -8.05 5.35 25.75
C SER B 63 -6.69 5.82 25.24
N THR B 64 -6.53 5.95 23.93
CA THR B 64 -5.23 6.25 23.40
C THR B 64 -5.17 7.59 22.72
N ASP B 65 -6.24 8.35 22.75
CA ASP B 65 -6.23 9.62 22.09
C ASP B 65 -5.99 9.57 20.56
N ARG B 66 -6.39 8.49 19.93
CA ARG B 66 -6.27 8.34 18.47
C ARG B 66 -7.57 8.70 17.72
N VAL B 67 -7.41 9.35 16.56
CA VAL B 67 -8.55 9.61 15.65
C VAL B 67 -8.07 9.26 14.23
N ALA B 68 -8.87 8.51 13.49
CA ALA B 68 -8.43 8.06 12.12
C ALA B 68 -8.36 9.16 11.12
N SER B 69 -7.45 9.00 10.18
CA SER B 69 -7.49 9.76 8.93
C SER B 69 -7.88 8.74 7.88
N PHE B 70 -8.69 9.17 6.91
CA PHE B 70 -9.10 8.21 5.90
C PHE B 70 -9.20 8.89 4.55
N ALA B 71 -9.30 8.07 3.51
CA ALA B 71 -9.61 8.57 2.14
C ALA B 71 -10.39 7.54 1.34
N THR B 72 -11.27 8.02 0.46
CA THR B 72 -12.02 7.14 -0.37
C THR B 72 -12.24 7.75 -1.74
N SER B 73 -12.25 6.88 -2.75
CA SER B 73 -12.56 7.32 -4.12
C SER B 73 -13.54 6.34 -4.74
N PHE B 74 -14.40 6.87 -5.60
CA PHE B 74 -15.40 6.05 -6.28
C PHE B 74 -15.95 6.87 -7.42
N SER B 75 -16.43 6.17 -8.44
CA SER B 75 -17.17 6.77 -9.53
C SER B 75 -18.62 6.40 -9.48
N PHE B 76 -19.48 7.31 -9.89
CA PHE B 76 -20.91 7.06 -9.91
C PHE B 76 -21.59 7.78 -11.08
N VAL B 77 -22.76 7.27 -11.43
CA VAL B 77 -23.61 7.89 -12.47
C VAL B 77 -24.99 8.11 -11.89
N VAL B 78 -25.54 9.31 -12.17
CA VAL B 78 -26.96 9.53 -11.95
C VAL B 78 -27.60 9.89 -13.29
N GLU B 79 -28.55 9.07 -13.73
CA GLU B 79 -29.16 9.22 -15.07
C GLU B 79 -30.67 9.33 -14.92
N ALA B 80 -31.24 10.40 -15.49
CA ALA B 80 -32.66 10.76 -15.35
C ALA B 80 -33.31 10.87 -16.73
N PRO B 81 -34.46 10.23 -16.91
CA PRO B 81 -35.15 10.43 -18.21
C PRO B 81 -35.64 11.87 -18.47
N ASP B 82 -35.91 12.63 -17.39
CA ASP B 82 -36.34 14.03 -17.49
C ASP B 82 -35.43 14.89 -16.66
N GLU B 83 -34.55 15.62 -17.33
CA GLU B 83 -33.51 16.42 -16.63
C GLU B 83 -34.04 17.51 -15.77
N SER B 84 -35.30 17.92 -16.00
CA SER B 84 -35.95 18.97 -15.22
C SER B 84 -36.61 18.45 -13.91
N LYS B 85 -36.70 17.13 -13.75
CA LYS B 85 -37.38 16.55 -12.61
C LYS B 85 -36.55 15.37 -12.06
N THR B 86 -35.61 15.74 -11.19
CA THR B 86 -34.62 14.79 -10.58
C THR B 86 -34.80 14.73 -9.09
N ALA B 87 -34.77 13.51 -8.55
CA ALA B 87 -34.69 13.32 -7.09
C ALA B 87 -34.23 11.91 -6.76
N ASP B 88 -33.67 11.62 -5.59
CA ASP B 88 -33.32 12.63 -4.53
C ASP B 88 -31.82 12.77 -4.38
N GLY B 89 -31.06 11.69 -4.61
CA GLY B 89 -29.62 11.83 -4.56
C GLY B 89 -28.93 10.62 -4.00
N ILE B 90 -27.60 10.74 -3.89
CA ILE B 90 -26.71 9.59 -3.49
C ILE B 90 -25.73 10.16 -2.49
N ALA B 91 -25.21 9.33 -1.54
CA ALA B 91 -24.25 9.78 -0.57
C ALA B 91 -23.25 8.71 -0.20
N PHE B 92 -22.08 9.14 0.19
CA PHE B 92 -21.11 8.31 0.88
C PHE B 92 -21.31 8.63 2.37
N PHE B 93 -21.23 7.61 3.22
CA PHE B 93 -21.45 7.84 4.65
C PHE B 93 -20.72 6.91 5.61
N LEU B 94 -20.66 7.33 6.85
CA LEU B 94 -20.15 6.57 7.99
C LEU B 94 -21.27 6.56 9.07
N ALA B 95 -21.52 5.41 9.70
CA ALA B 95 -22.56 5.29 10.70
C ALA B 95 -22.21 4.17 11.67
N PRO B 96 -22.95 4.05 12.79
CA PRO B 96 -22.68 2.94 13.69
C PRO B 96 -22.78 1.64 12.96
N PRO B 97 -22.05 0.59 13.43
CA PRO B 97 -21.99 -0.64 12.62
C PRO B 97 -23.32 -1.34 12.31
N ASP B 98 -24.28 -1.29 13.25
CA ASP B 98 -25.59 -1.89 13.05
C ASP B 98 -26.58 -0.94 12.37
N THR B 99 -26.08 0.10 11.72
CA THR B 99 -26.93 1.02 10.96
C THR B 99 -27.92 0.36 10.02
N GLN B 100 -29.15 0.86 10.06
CA GLN B 100 -30.25 0.40 9.20
C GLN B 100 -30.79 1.57 8.40
N PRO B 101 -31.41 1.28 7.27
CA PRO B 101 -32.02 2.36 6.46
C PRO B 101 -33.04 3.29 7.14
N GLN B 102 -32.77 4.60 7.12
CA GLN B 102 -33.69 5.58 7.65
C GLN B 102 -34.53 6.24 6.55
N LYS B 103 -35.28 7.29 6.85
CA LYS B 103 -36.20 7.83 5.87
C LYS B 103 -35.89 7.96 4.43
N ASP B 104 -36.90 7.68 3.61
CA ASP B 104 -36.79 7.79 2.17
C ASP B 104 -36.78 9.27 1.60
N GLY B 105 -36.85 9.37 0.30
CA GLY B 105 -36.95 10.67 -0.36
C GLY B 105 -35.80 11.60 -0.02
N GLY B 106 -36.14 12.82 0.38
CA GLY B 106 -35.11 13.78 0.68
C GLY B 106 -34.14 13.47 1.82
N PHE B 107 -34.48 12.49 2.66
CA PHE B 107 -33.65 12.11 3.76
C PHE B 107 -32.54 11.11 3.31
N LEU B 108 -32.56 10.75 2.05
CA LEU B 108 -31.47 9.95 1.40
C LEU B 108 -31.17 8.61 2.05
N GLY B 109 -32.16 8.01 2.73
CA GLY B 109 -31.92 6.78 3.48
C GLY B 109 -31.03 6.92 4.71
N LEU B 110 -30.63 8.15 5.03
CA LEU B 110 -29.67 8.39 6.07
C LEU B 110 -30.20 8.97 7.36
N PHE B 111 -31.09 9.94 7.21
CA PHE B 111 -31.59 10.72 8.33
C PHE B 111 -33.11 10.58 8.51
N ASN B 112 -33.60 11.25 9.54
CA ASN B 112 -35.02 11.41 9.80
C ASN B 112 -35.25 12.66 10.69
N ASP B 113 -35.98 13.62 10.25
CA ASP B 113 -36.28 14.87 11.03
C ASP B 113 -36.96 14.51 12.36
N SER B 114 -37.66 13.34 12.46
CA SER B 114 -38.26 12.96 13.73
C SER B 114 -37.29 12.73 14.87
N ASN B 115 -36.13 12.19 14.49
CA ASN B 115 -35.08 11.78 15.41
C ASN B 115 -33.73 12.36 15.02
N LYS B 116 -33.30 13.34 15.81
CA LYS B 116 -32.06 14.09 15.62
C LYS B 116 -30.93 13.33 16.40
N SER B 117 -31.30 12.25 17.03
CA SER B 117 -30.30 11.43 17.63
C SER B 117 -29.56 10.54 16.66
N ILE B 118 -29.89 10.50 15.37
N ILE B 118 -29.86 10.54 15.36
CA ILE B 118 -29.15 9.69 14.41
CA ILE B 118 -29.15 9.70 14.41
C ILE B 118 -27.69 10.13 14.30
C ILE B 118 -27.70 10.14 14.27
N GLN B 119 -26.77 9.20 14.50
CA GLN B 119 -25.36 9.42 14.23
C GLN B 119 -25.04 8.98 12.80
N THR B 120 -24.65 9.94 11.96
CA THR B 120 -24.23 9.64 10.60
C THR B 120 -23.50 10.88 10.03
N VAL B 121 -22.30 10.66 9.48
CA VAL B 121 -21.59 11.72 8.82
C VAL B 121 -21.59 11.35 7.32
N ALA B 122 -21.97 12.29 6.43
CA ALA B 122 -22.13 11.97 5.04
C ALA B 122 -21.65 13.08 4.11
N VAL B 123 -21.32 12.67 2.88
CA VAL B 123 -21.13 13.58 1.77
C VAL B 123 -22.22 13.25 0.79
N GLU B 124 -23.15 14.20 0.58
CA GLU B 124 -24.29 13.98 -0.27
C GLU B 124 -24.12 14.67 -1.62
N PHE B 125 -24.71 14.05 -2.62
CA PHE B 125 -24.77 14.57 -3.97
C PHE B 125 -26.28 14.71 -4.20
N ASP B 126 -26.76 15.89 -3.95
CA ASP B 126 -28.21 16.10 -3.74
C ASP B 126 -28.83 16.72 -4.98
N THR B 127 -29.80 16.00 -5.54
CA THR B 127 -30.39 16.38 -6.81
C THR B 127 -31.72 17.08 -6.74
N PHE B 128 -32.25 17.27 -5.53
CA PHE B 128 -33.60 17.85 -5.34
C PHE B 128 -33.64 18.81 -4.15
N SER B 129 -34.09 20.07 -4.41
CA SER B 129 -34.11 21.07 -3.35
C SER B 129 -35.32 20.92 -2.41
N ASN B 130 -35.07 20.32 -1.26
CA ASN B 130 -36.05 20.29 -0.18
C ASN B 130 -36.12 21.60 0.62
N THR B 131 -36.97 21.64 1.65
CA THR B 131 -37.13 22.92 2.38
C THR B 131 -35.89 23.36 3.10
N TRP B 132 -35.05 22.41 3.52
CA TRP B 132 -33.80 22.67 4.22
C TRP B 132 -32.58 22.80 3.28
N ASP B 133 -32.75 22.67 1.98
CA ASP B 133 -31.68 22.72 0.98
C ASP B 133 -31.49 24.13 0.33
N PRO B 134 -30.30 24.41 -0.21
CA PRO B 134 -30.23 25.54 -1.16
C PRO B 134 -31.04 25.23 -2.41
N SER B 135 -31.28 26.23 -3.27
CA SER B 135 -31.99 26.02 -4.53
C SER B 135 -31.33 25.11 -5.53
N ALA B 136 -30.03 25.22 -5.67
CA ALA B 136 -29.34 24.50 -6.72
C ALA B 136 -29.08 23.04 -6.23
N ARG B 137 -28.90 22.12 -7.17
CA ARG B 137 -28.30 20.81 -6.84
C ARG B 137 -26.93 21.11 -6.21
N HIS B 138 -26.50 20.29 -5.24
CA HIS B 138 -25.38 20.64 -4.44
C HIS B 138 -24.64 19.39 -3.91
N ILE B 139 -23.38 19.60 -3.57
CA ILE B 139 -22.57 18.59 -2.82
C ILE B 139 -22.50 19.13 -1.44
N GLY B 140 -22.95 18.35 -0.47
CA GLY B 140 -22.99 18.77 0.91
C GLY B 140 -22.26 17.88 1.88
N ILE B 141 -21.72 18.50 2.93
CA ILE B 141 -21.15 17.82 4.06
C ILE B 141 -22.14 17.90 5.23
N ASN B 142 -22.60 16.73 5.66
CA ASN B 142 -23.64 16.60 6.67
C ASN B 142 -23.13 15.86 7.88
N VAL B 143 -23.43 16.42 9.04
CA VAL B 143 -23.02 15.86 10.34
C VAL B 143 -24.25 15.73 11.27
N ASN B 144 -24.83 14.55 11.31
CA ASN B 144 -25.95 14.19 12.16
C ASN B 144 -27.21 15.02 11.84
N SER B 145 -27.35 15.43 10.61
CA SER B 145 -28.49 16.20 10.14
C SER B 145 -28.58 16.15 8.65
N ILE B 146 -29.80 16.13 8.11
CA ILE B 146 -30.03 16.26 6.66
C ILE B 146 -29.69 17.66 6.13
N GLU B 147 -29.64 18.63 7.02
CA GLU B 147 -29.27 19.98 6.69
C GLU B 147 -27.76 20.10 6.69
N SER B 148 -27.16 20.30 5.50
CA SER B 148 -25.69 20.29 5.38
C SER B 148 -25.06 21.39 6.19
N MET B 149 -23.92 21.10 6.82
CA MET B 149 -23.14 22.15 7.50
C MET B 149 -22.42 23.06 6.50
N LYS B 150 -22.08 22.53 5.32
CA LYS B 150 -21.33 23.25 4.28
C LYS B 150 -21.81 22.63 2.96
N TYR B 151 -21.88 23.42 1.88
CA TYR B 151 -22.17 22.83 0.57
C TYR B 151 -21.55 23.68 -0.52
N VAL B 152 -21.51 23.13 -1.70
CA VAL B 152 -21.11 23.83 -2.92
C VAL B 152 -22.11 23.49 -4.04
N LYS B 153 -22.49 24.51 -4.81
CA LYS B 153 -23.35 24.26 -5.95
C LYS B 153 -22.70 23.25 -6.87
N TRP B 154 -23.50 22.39 -7.45
CA TRP B 154 -23.05 21.26 -8.27
C TRP B 154 -23.77 21.22 -9.59
N GLY B 155 -22.99 21.27 -10.65
CA GLY B 155 -23.53 21.15 -12.00
C GLY B 155 -23.57 19.68 -12.41
N TRP B 156 -24.69 19.04 -12.05
CA TRP B 156 -24.91 17.60 -12.34
C TRP B 156 -24.97 17.40 -13.82
N GLU B 157 -24.28 16.38 -14.31
CA GLU B 157 -24.27 16.01 -15.72
C GLU B 157 -24.98 14.68 -15.90
N ASN B 158 -26.15 14.73 -16.53
CA ASN B 158 -27.01 13.58 -16.71
C ASN B 158 -26.33 12.41 -17.38
N GLY B 159 -26.25 11.27 -16.66
CA GLY B 159 -25.70 10.05 -17.24
C GLY B 159 -24.20 10.02 -17.45
N LYS B 160 -23.44 11.04 -17.03
CA LYS B 160 -22.01 11.02 -17.18
C LYS B 160 -21.35 10.49 -15.91
N VAL B 161 -20.17 9.91 -16.07
CA VAL B 161 -19.45 9.37 -14.95
C VAL B 161 -18.86 10.48 -14.13
N ALA B 162 -19.10 10.45 -12.82
CA ALA B 162 -18.47 11.34 -11.86
C ALA B 162 -17.46 10.59 -11.00
N ASN B 163 -16.28 11.20 -10.87
CA ASN B 163 -15.17 10.66 -10.08
C ASN B 163 -15.15 11.43 -8.79
N VAL B 164 -15.32 10.74 -7.64
CA VAL B 164 -15.29 11.40 -6.35
C VAL B 164 -14.03 11.06 -5.54
N TYR B 165 -13.46 12.06 -4.86
CA TYR B 165 -12.40 11.80 -3.90
C TYR B 165 -12.80 12.51 -2.60
N ILE B 166 -12.77 11.78 -1.50
CA ILE B 166 -13.05 12.33 -0.21
C ILE B 166 -11.91 11.99 0.75
N SER B 167 -11.46 12.98 1.54
CA SER B 167 -10.41 12.75 2.53
C SER B 167 -10.70 13.39 3.87
N TYR B 168 -10.22 12.75 4.96
CA TYR B 168 -10.41 13.30 6.31
C TYR B 168 -9.03 13.32 6.97
N GLU B 169 -8.57 14.52 7.35
CA GLU B 169 -7.26 14.79 7.94
C GLU B 169 -7.49 14.95 9.46
N ALA B 170 -7.21 13.91 10.23
CA ALA B 170 -7.55 13.93 11.67
C ALA B 170 -6.90 15.09 12.45
N SER B 171 -5.69 15.43 12.10
CA SER B 171 -4.95 16.39 12.92
C SER B 171 -5.55 17.80 12.80
N THR B 172 -6.33 18.05 11.75
CA THR B 172 -6.91 19.42 11.58
C THR B 172 -8.42 19.33 11.58
N LYS B 173 -8.96 18.08 11.61
CA LYS B 173 -10.36 17.80 11.57
C LYS B 173 -11.00 18.27 10.28
N THR B 174 -10.24 18.21 9.18
CA THR B 174 -10.73 18.70 7.89
C THR B 174 -11.27 17.55 7.00
N LEU B 175 -12.55 17.63 6.67
CA LEU B 175 -13.17 16.70 5.68
C LEU B 175 -13.27 17.44 4.35
N THR B 176 -12.73 16.85 3.27
CA THR B 176 -12.73 17.49 1.93
C THR B 176 -13.35 16.54 0.92
N ALA B 177 -14.32 17.00 0.13
CA ALA B 177 -14.99 16.21 -0.91
C ALA B 177 -14.92 16.90 -2.26
N SER B 178 -14.53 16.17 -3.30
CA SER B 178 -14.42 16.71 -4.65
C SER B 178 -15.12 15.79 -5.61
N LEU B 179 -15.66 16.39 -6.67
CA LEU B 179 -16.28 15.66 -7.79
C LEU B 179 -15.75 16.22 -9.11
N THR B 180 -15.43 15.29 -10.00
CA THR B 180 -14.89 15.64 -11.33
C THR B 180 -15.59 14.85 -12.39
N TYR B 181 -16.05 15.55 -13.46
CA TYR B 181 -16.51 14.87 -14.68
C TYR B 181 -15.38 14.81 -15.68
N PRO B 182 -14.82 13.61 -15.92
CA PRO B 182 -13.79 13.51 -16.96
C PRO B 182 -14.32 13.93 -18.32
N SER B 183 -15.60 13.70 -18.58
CA SER B 183 -16.15 13.95 -19.91
C SER B 183 -15.98 15.42 -20.30
N ASN B 184 -16.13 16.35 -19.37
CA ASN B 184 -15.92 17.77 -19.68
C ASN B 184 -14.89 18.49 -18.78
N ALA B 185 -14.05 17.72 -18.12
CA ALA B 185 -13.01 18.24 -17.19
C ALA B 185 -13.49 19.36 -16.26
N THR B 186 -14.63 19.15 -15.64
N THR B 186 -14.68 19.21 -15.69
CA THR B 186 -15.24 20.15 -14.78
CA THR B 186 -15.20 20.19 -14.73
C THR B 186 -15.33 19.58 -13.35
C THR B 186 -15.26 19.56 -13.35
N SER B 187 -14.96 20.38 -12.36
CA SER B 187 -14.81 19.88 -10.97
C SER B 187 -15.41 20.82 -9.97
N TYR B 188 -15.77 20.26 -8.80
CA TYR B 188 -16.35 20.93 -7.65
C TYR B 188 -15.70 20.39 -6.37
N ILE B 189 -15.64 21.22 -5.34
CA ILE B 189 -15.04 20.83 -4.09
C ILE B 189 -15.72 21.59 -2.95
N VAL B 190 -15.74 20.95 -1.78
CA VAL B 190 -16.17 21.59 -0.54
C VAL B 190 -15.46 20.92 0.61
N SER B 191 -15.14 21.73 1.62
CA SER B 191 -14.52 21.25 2.85
C SER B 191 -15.24 21.77 4.10
N ALA B 192 -15.07 21.07 5.21
CA ALA B 192 -15.68 21.41 6.50
C ALA B 192 -14.84 20.93 7.63
N ASN B 193 -14.96 21.62 8.77
CA ASN B 193 -14.30 21.21 9.95
C ASN B 193 -15.26 20.26 10.72
N VAL B 194 -14.87 19.00 10.84
CA VAL B 194 -15.76 17.94 11.35
C VAL B 194 -15.03 17.18 12.47
N ASP B 195 -15.64 17.13 13.66
CA ASP B 195 -15.07 16.37 14.77
C ASP B 195 -15.72 15.00 14.83
N LEU B 196 -15.00 13.98 14.35
CA LEU B 196 -15.56 12.63 14.24
C LEU B 196 -15.85 12.06 15.61
N LYS B 197 -15.00 12.39 16.55
CA LYS B 197 -15.16 11.85 17.92
C LYS B 197 -16.45 12.26 18.57
N SER B 198 -16.93 13.47 18.28
N SER B 198 -16.91 13.48 18.25
CA SER B 198 -18.22 13.90 18.85
CA SER B 198 -18.16 13.99 18.78
C SER B 198 -19.42 13.55 18.01
C SER B 198 -19.38 13.49 18.03
N ALA B 199 -19.23 13.22 16.73
CA ALA B 199 -20.36 12.87 15.88
C ALA B 199 -20.71 11.42 15.85
N LEU B 200 -19.69 10.52 15.98
CA LEU B 200 -19.85 9.10 15.72
C LEU B 200 -19.28 8.25 16.86
N PRO B 201 -19.69 6.98 16.96
CA PRO B 201 -19.07 6.12 17.89
C PRO B 201 -17.66 5.68 17.39
N GLU B 202 -16.93 4.99 18.25
CA GLU B 202 -15.53 4.59 17.97
C GLU B 202 -15.33 3.67 16.77
N TRP B 203 -16.29 2.84 16.51
CA TRP B 203 -16.38 1.93 15.37
C TRP B 203 -17.58 2.26 14.49
N VAL B 204 -17.37 2.31 13.16
CA VAL B 204 -18.40 2.59 12.21
C VAL B 204 -18.33 1.60 11.04
N ARG B 205 -19.41 1.50 10.29
CA ARG B 205 -19.41 0.98 8.95
C ARG B 205 -19.52 2.14 7.93
N VAL B 206 -18.92 1.90 6.75
CA VAL B 206 -18.82 2.90 5.66
C VAL B 206 -19.46 2.38 4.42
N GLY B 207 -20.01 3.29 3.62
CA GLY B 207 -20.58 2.91 2.34
C GLY B 207 -21.48 3.98 1.73
N PHE B 208 -22.52 3.55 1.03
CA PHE B 208 -23.33 4.42 0.19
C PHE B 208 -24.81 4.31 0.53
N SER B 209 -25.56 5.36 0.24
CA SER B 209 -27.01 5.33 0.36
C SER B 209 -27.59 6.22 -0.76
N ALA B 210 -28.76 5.87 -1.28
CA ALA B 210 -29.42 6.73 -2.26
C ALA B 210 -30.92 6.50 -2.27
N THR B 211 -31.59 7.52 -2.76
CA THR B 211 -33.05 7.45 -2.90
C THR B 211 -33.53 8.10 -4.21
N SER B 212 -34.61 7.57 -4.75
CA SER B 212 -35.34 8.17 -5.87
C SER B 212 -36.57 8.91 -5.36
N GLY B 213 -37.19 9.74 -6.22
CA GLY B 213 -38.21 10.62 -5.68
C GLY B 213 -39.48 9.99 -5.18
N LEU B 214 -40.22 10.77 -4.44
CA LEU B 214 -41.52 10.33 -3.91
C LEU B 214 -42.71 10.70 -4.83
N SER B 215 -42.44 10.86 -6.12
CA SER B 215 -43.49 11.07 -7.16
C SER B 215 -43.06 10.38 -8.42
N ARG B 216 -43.99 9.92 -9.23
CA ARG B 216 -43.63 9.12 -10.34
C ARG B 216 -42.76 9.80 -11.37
N ASP B 217 -42.82 11.14 -11.42
CA ASP B 217 -42.13 11.89 -12.46
C ASP B 217 -40.75 12.41 -12.03
N HIS B 218 -40.33 12.08 -10.81
CA HIS B 218 -39.01 12.54 -10.34
C HIS B 218 -38.25 11.21 -10.08
N VAL B 219 -37.48 10.81 -11.06
CA VAL B 219 -36.85 9.47 -11.07
C VAL B 219 -35.50 9.58 -11.73
N GLU B 220 -34.56 8.83 -11.17
CA GLU B 220 -33.18 8.80 -11.64
C GLU B 220 -32.41 7.67 -10.96
N THR B 221 -31.42 7.15 -11.67
CA THR B 221 -30.59 6.04 -11.20
C THR B 221 -29.57 6.61 -10.22
N HIS B 222 -29.00 5.72 -9.40
CA HIS B 222 -27.87 6.03 -8.54
C HIS B 222 -26.93 4.83 -8.53
N ASP B 223 -26.00 4.80 -9.48
CA ASP B 223 -25.14 3.61 -9.69
C ASP B 223 -23.73 3.91 -9.32
N VAL B 224 -23.11 3.01 -8.55
CA VAL B 224 -21.67 3.15 -8.21
C VAL B 224 -20.90 2.13 -9.02
N LEU B 225 -19.83 2.55 -9.63
CA LEU B 225 -19.10 1.73 -10.61
C LEU B 225 -17.86 1.06 -10.03
N ASP B 226 -17.28 1.64 -8.98
CA ASP B 226 -16.10 1.08 -8.33
C ASP B 226 -16.01 1.59 -6.90
N TRP B 227 -14.84 1.43 -6.28
CA TRP B 227 -14.67 1.91 -4.91
C TRP B 227 -13.28 1.59 -4.38
N SER B 228 -12.74 2.50 -3.59
CA SER B 228 -11.42 2.33 -2.98
C SER B 228 -11.42 3.08 -1.66
N PHE B 229 -11.05 2.41 -0.58
CA PHE B 229 -11.20 3.00 0.77
C PHE B 229 -9.91 2.64 1.55
N THR B 230 -9.40 3.61 2.32
CA THR B 230 -8.34 3.35 3.27
C THR B 230 -8.50 4.18 4.54
N SER B 231 -8.24 3.61 5.72
CA SER B 231 -8.26 4.38 6.94
C SER B 231 -7.06 3.91 7.82
N THR B 232 -6.49 4.84 8.58
CA THR B 232 -5.38 4.55 9.44
C THR B 232 -5.67 5.20 10.78
N LEU B 233 -5.63 4.42 11.85
CA LEU B 233 -5.81 4.94 13.21
C LEU B 233 -4.45 4.79 13.88
N GLN B 234 -3.77 5.89 14.18
CA GLN B 234 -2.42 5.77 14.73
C GLN B 234 -2.23 6.92 15.69
N ALA B 235 -1.19 6.85 16.51
CA ALA B 235 -0.84 7.91 17.47
C ALA B 235 -0.81 9.28 16.81
N PRO B 236 -1.33 10.32 17.50
CA PRO B 236 -1.12 11.68 16.98
C PRO B 236 0.35 11.94 16.80
N SER B 237 0.75 12.74 15.81
CA SER B 237 2.18 13.06 15.70
C SER B 237 2.57 14.12 16.73
N MET C 1 9.16 12.23 10.65
CA MET C 1 9.44 11.04 11.44
C MET C 1 8.75 9.81 10.83
N SER C 2 8.19 9.84 9.63
N SER C 2 8.23 9.85 9.62
CA SER C 2 8.04 8.63 8.78
CA SER C 2 8.11 8.64 8.82
C SER C 2 8.48 8.93 7.34
C SER C 2 8.42 8.89 7.35
N GLU C 3 9.31 8.05 6.81
CA GLU C 3 9.69 8.07 5.42
C GLU C 3 9.42 6.67 4.91
N VAL C 4 8.61 6.49 3.86
CA VAL C 4 8.32 5.12 3.33
C VAL C 4 8.59 5.15 1.82
N VAL C 5 9.21 4.10 1.28
N VAL C 5 9.17 4.09 1.26
CA VAL C 5 9.47 4.03 -0.13
CA VAL C 5 9.46 4.02 -0.17
C VAL C 5 9.10 2.60 -0.54
C VAL C 5 9.17 2.57 -0.62
N SER C 6 8.52 2.48 -1.72
N SER C 6 8.39 2.44 -1.68
CA SER C 6 8.35 1.17 -2.29
CA SER C 6 8.07 1.13 -2.26
C SER C 6 8.41 1.26 -3.82
C SER C 6 8.12 1.15 -3.81
N PHE C 7 8.73 0.12 -4.41
CA PHE C 7 8.62 -0.03 -5.87
C PHE C 7 8.36 -1.51 -6.17
N SER C 8 7.77 -1.76 -7.34
N SER C 8 7.75 -1.75 -7.33
CA SER C 8 7.50 -3.15 -7.75
CA SER C 8 7.58 -3.11 -7.79
C SER C 8 7.35 -3.26 -9.27
C SER C 8 7.56 -3.14 -9.32
N PHE C 9 8.11 -4.20 -9.86
CA PHE C 9 8.15 -4.38 -11.31
C PHE C 9 7.84 -5.83 -11.57
N THR C 10 6.85 -6.14 -12.39
CA THR C 10 6.55 -7.53 -12.71
C THR C 10 7.46 -8.08 -13.83
N LYS C 11 8.07 -7.16 -14.56
CA LYS C 11 9.20 -7.44 -15.43
C LYS C 11 9.91 -6.14 -15.62
N PHE C 12 11.11 -6.19 -16.18
CA PHE C 12 11.84 -4.98 -16.39
C PHE C 12 11.62 -4.41 -17.82
N ASN C 13 11.57 -3.09 -17.94
CA ASN C 13 11.60 -2.45 -19.24
C ASN C 13 13.03 -2.45 -19.80
N PRO C 14 13.16 -2.74 -21.09
CA PRO C 14 14.50 -2.88 -21.72
C PRO C 14 15.49 -1.71 -21.61
N ASN C 15 15.03 -0.51 -21.37
CA ASN C 15 15.98 0.59 -21.14
C ASN C 15 15.56 1.31 -19.82
N PRO C 16 15.74 0.64 -18.68
CA PRO C 16 15.10 1.06 -17.44
C PRO C 16 15.79 2.26 -16.82
N LYS C 17 15.20 3.42 -16.91
CA LYS C 17 15.91 4.62 -16.40
C LYS C 17 15.89 4.78 -14.88
N ASP C 18 15.12 3.96 -14.21
CA ASP C 18 15.16 3.91 -12.74
C ASP C 18 16.06 2.80 -12.17
N ILE C 19 16.88 2.15 -13.03
CA ILE C 19 17.84 1.14 -12.64
C ILE C 19 19.22 1.63 -13.16
N ILE C 20 20.20 1.60 -12.24
CA ILE C 20 21.61 1.85 -12.54
C ILE C 20 22.26 0.51 -12.90
N LEU C 21 22.61 0.33 -14.18
CA LEU C 21 23.23 -0.92 -14.60
C LEU C 21 24.70 -0.71 -14.52
N GLN C 22 25.40 -1.71 -13.98
CA GLN C 22 26.86 -1.69 -13.82
C GLN C 22 27.49 -2.96 -14.41
N GLY C 23 28.73 -2.81 -14.92
CA GLY C 23 29.38 -3.92 -15.53
C GLY C 23 28.65 -4.47 -16.74
N ASP C 24 28.49 -5.78 -16.80
CA ASP C 24 27.86 -6.43 -17.94
C ASP C 24 26.33 -6.46 -17.93
N ALA C 25 25.69 -5.97 -16.88
CA ALA C 25 24.24 -6.19 -16.72
C ALA C 25 23.49 -5.47 -17.80
N LEU C 26 22.43 -6.07 -18.28
CA LEU C 26 21.51 -5.50 -19.22
C LEU C 26 20.11 -6.07 -19.02
N VAL C 27 19.12 -5.45 -19.63
CA VAL C 27 17.78 -6.01 -19.66
C VAL C 27 17.50 -6.46 -21.07
N THR C 28 16.99 -7.67 -21.20
CA THR C 28 16.70 -8.23 -22.51
C THR C 28 15.42 -7.65 -23.08
N SER C 29 15.17 -7.90 -24.37
N SER C 29 15.19 -7.91 -24.38
CA SER C 29 13.95 -7.39 -25.00
CA SER C 29 13.96 -7.44 -25.04
C SER C 29 12.69 -7.97 -24.38
C SER C 29 12.71 -7.95 -24.37
N LYS C 30 12.78 -9.12 -23.76
CA LYS C 30 11.63 -9.68 -23.08
C LYS C 30 11.55 -9.34 -21.61
N GLY C 31 12.39 -8.46 -21.14
CA GLY C 31 12.23 -7.89 -19.81
C GLY C 31 12.87 -8.66 -18.69
N LYS C 32 13.91 -9.43 -19.02
CA LYS C 32 14.71 -10.09 -17.98
C LYS C 32 15.97 -9.34 -17.68
N LEU C 33 16.33 -9.23 -16.41
CA LEU C 33 17.59 -8.56 -16.00
C LEU C 33 18.73 -9.58 -16.01
N GLN C 34 19.53 -9.56 -17.06
CA GLN C 34 20.58 -10.56 -17.29
C GLN C 34 21.84 -9.96 -16.68
N LEU C 35 22.18 -10.38 -15.47
CA LEU C 35 23.27 -9.72 -14.77
C LEU C 35 24.67 -10.02 -15.40
N THR C 36 24.85 -11.28 -15.79
CA THR C 36 26.13 -11.77 -16.41
C THR C 36 25.92 -12.14 -17.90
N LYS C 37 27.01 -11.91 -18.67
CA LYS C 37 26.96 -12.06 -20.12
C LYS C 37 26.49 -13.38 -20.65
N VAL C 38 25.62 -13.29 -21.65
CA VAL C 38 25.19 -14.48 -22.40
C VAL C 38 25.43 -14.16 -23.87
N LYS C 39 26.11 -15.05 -24.57
CA LYS C 39 26.47 -14.80 -25.99
C LYS C 39 26.15 -16.03 -26.77
N ASP C 40 25.27 -15.87 -27.77
CA ASP C 40 24.81 -16.99 -28.58
C ASP C 40 24.06 -17.95 -27.71
N GLY C 41 23.42 -17.44 -26.68
CA GLY C 41 22.67 -18.30 -25.82
C GLY C 41 23.49 -19.05 -24.78
N LYS C 42 24.80 -18.81 -24.70
CA LYS C 42 25.65 -19.49 -23.72
C LYS C 42 26.15 -18.47 -22.69
N PRO C 43 26.14 -18.84 -21.40
CA PRO C 43 26.76 -17.92 -20.46
C PRO C 43 28.26 -17.93 -20.60
N VAL C 44 28.84 -16.75 -20.47
CA VAL C 44 30.27 -16.47 -20.62
C VAL C 44 31.02 -16.28 -19.30
N ASP C 45 32.25 -16.77 -19.24
CA ASP C 45 33.15 -16.57 -18.10
C ASP C 45 33.62 -15.16 -17.87
N HIS C 46 34.13 -14.90 -16.66
CA HIS C 46 34.81 -13.64 -16.29
C HIS C 46 33.82 -12.48 -16.48
N SER C 47 32.57 -12.72 -16.09
CA SER C 47 31.52 -11.68 -16.20
C SER C 47 31.13 -11.16 -14.82
N LEU C 48 30.85 -9.89 -14.72
CA LEU C 48 30.37 -9.29 -13.47
C LEU C 48 29.31 -8.29 -13.88
N GLY C 49 28.12 -8.35 -13.27
CA GLY C 49 27.15 -7.28 -13.53
C GLY C 49 26.35 -6.95 -12.27
N ARG C 50 25.88 -5.72 -12.15
CA ARG C 50 25.15 -5.31 -11.00
C ARG C 50 24.02 -4.40 -11.45
N ALA C 51 23.04 -4.18 -10.55
CA ALA C 51 21.92 -3.29 -10.89
C ALA C 51 21.39 -2.72 -9.60
N LEU C 52 21.15 -1.43 -9.57
CA LEU C 52 20.67 -0.72 -8.39
C LEU C 52 19.43 0.12 -8.67
N TYR C 53 18.56 0.22 -7.71
CA TYR C 53 17.44 1.14 -7.87
C TYR C 53 17.97 2.57 -7.84
N ALA C 54 17.39 3.46 -8.66
CA ALA C 54 17.91 4.84 -8.78
C ALA C 54 17.90 5.64 -7.50
N ALA C 55 16.86 5.49 -6.69
CA ALA C 55 16.79 6.28 -5.45
C ALA C 55 17.52 5.64 -4.28
N PRO C 56 18.36 6.43 -3.61
CA PRO C 56 18.83 5.94 -2.33
C PRO C 56 17.70 5.74 -1.32
N ILE C 57 17.95 4.87 -0.36
CA ILE C 57 16.99 4.46 0.63
C ILE C 57 17.54 4.91 1.97
N HIS C 58 16.69 5.51 2.79
CA HIS C 58 17.08 6.01 4.14
C HIS C 58 16.97 4.89 5.18
N ILE C 59 18.08 4.21 5.49
CA ILE C 59 17.99 2.99 6.35
C ILE C 59 18.21 3.24 7.82
N TRP C 60 18.86 4.35 8.17
CA TRP C 60 18.88 4.75 9.59
C TRP C 60 19.17 6.25 9.66
N ASP C 61 18.89 6.85 10.80
CA ASP C 61 18.98 8.31 10.95
C ASP C 61 19.63 8.61 12.34
N ASP C 62 20.84 9.10 12.26
CA ASP C 62 21.63 9.43 13.47
C ASP C 62 20.95 10.51 14.30
N SER C 63 20.29 11.48 13.67
CA SER C 63 19.69 12.57 14.47
C SER C 63 18.43 12.15 15.21
N THR C 64 17.84 10.97 14.94
CA THR C 64 16.56 10.59 15.62
C THR C 64 16.49 9.16 16.11
N ASP C 65 17.60 8.45 16.06
CA ASP C 65 17.55 7.01 16.43
C ASP C 65 16.43 6.15 15.76
N ARG C 66 16.14 6.45 14.50
CA ARG C 66 15.29 5.56 13.69
C ARG C 66 16.17 4.60 12.88
N VAL C 67 15.64 3.37 12.67
CA VAL C 67 16.26 2.39 11.83
C VAL C 67 15.14 1.82 10.99
N ALA C 68 15.37 1.59 9.71
CA ALA C 68 14.29 1.05 8.83
C ALA C 68 14.04 -0.41 9.04
N SER C 69 12.80 -0.80 8.83
CA SER C 69 12.44 -2.19 8.51
C SER C 69 12.15 -2.21 7.04
N PHE C 70 12.56 -3.28 6.39
CA PHE C 70 12.33 -3.44 4.95
C PHE C 70 12.02 -4.89 4.56
N ALA C 71 11.50 -5.04 3.36
CA ALA C 71 11.25 -6.35 2.77
C ALA C 71 11.39 -6.29 1.28
N THR C 72 11.87 -7.38 0.70
CA THR C 72 12.02 -7.40 -0.74
C THR C 72 11.70 -8.84 -1.25
N SER C 73 11.08 -8.91 -2.43
CA SER C 73 10.82 -10.18 -3.05
C SER C 73 11.33 -10.10 -4.50
N PHE C 74 11.86 -11.20 -4.99
CA PHE C 74 12.24 -11.27 -6.40
C PHE C 74 12.34 -12.73 -6.81
N SER C 75 12.27 -12.96 -8.12
N SER C 75 12.30 -12.93 -8.13
CA SER C 75 12.49 -14.31 -8.63
CA SER C 75 12.45 -14.26 -8.72
C SER C 75 13.72 -14.31 -9.55
C SER C 75 13.74 -14.29 -9.56
N PHE C 76 14.48 -15.38 -9.49
CA PHE C 76 15.70 -15.49 -10.27
C PHE C 76 15.92 -16.90 -10.81
N VAL C 77 16.77 -16.95 -11.83
CA VAL C 77 17.13 -18.26 -12.48
C VAL C 77 18.64 -18.30 -12.64
N VAL C 78 19.25 -19.42 -12.22
CA VAL C 78 20.66 -19.74 -12.52
C VAL C 78 20.65 -21.04 -13.33
N GLU C 79 21.03 -20.95 -14.58
CA GLU C 79 21.06 -22.10 -15.51
C GLU C 79 22.50 -22.35 -15.94
N ALA C 80 22.92 -23.61 -15.92
CA ALA C 80 24.31 -23.97 -16.16
C ALA C 80 24.33 -25.12 -17.16
N PRO C 81 25.21 -25.04 -18.18
CA PRO C 81 25.40 -26.22 -19.06
C PRO C 81 26.01 -27.43 -18.37
N ASP C 82 26.75 -27.25 -17.29
CA ASP C 82 27.33 -28.39 -16.63
C ASP C 82 27.07 -28.29 -15.14
N GLU C 83 26.25 -29.16 -14.59
CA GLU C 83 25.86 -28.96 -13.14
C GLU C 83 26.97 -29.26 -12.18
N SER C 84 28.02 -29.94 -12.66
CA SER C 84 29.20 -30.18 -11.85
C SER C 84 30.17 -29.01 -11.90
N LYS C 85 29.99 -28.02 -12.75
CA LYS C 85 30.93 -26.91 -12.78
C LYS C 85 30.23 -25.55 -12.86
N THR C 86 29.87 -25.02 -11.69
CA THR C 86 29.04 -23.81 -11.57
C THR C 86 29.84 -22.78 -10.85
N ALA C 87 29.78 -21.54 -11.32
CA ALA C 87 30.30 -20.44 -10.56
C ALA C 87 29.79 -19.15 -11.12
N ASP C 88 29.79 -18.05 -10.35
CA ASP C 88 30.09 -17.97 -8.91
C ASP C 88 28.85 -17.65 -8.00
N GLY C 89 27.84 -16.94 -8.50
CA GLY C 89 26.63 -16.72 -7.74
C GLY C 89 25.97 -15.38 -8.00
N ILE C 90 24.87 -15.14 -7.26
CA ILE C 90 24.05 -13.91 -7.40
C ILE C 90 23.75 -13.46 -5.99
N ALA C 91 23.63 -12.17 -5.78
CA ALA C 91 23.26 -11.67 -4.44
C ALA C 91 22.33 -10.47 -4.54
N PHE C 92 21.49 -10.31 -3.50
CA PHE C 92 20.84 -9.04 -3.20
C PHE C 92 21.69 -8.29 -2.20
N PHE C 93 21.82 -6.97 -2.37
CA PHE C 93 22.65 -6.19 -1.50
C PHE C 93 22.24 -4.74 -1.23
N LEU C 94 22.78 -4.20 -0.14
CA LEU C 94 22.70 -2.82 0.23
C LEU C 94 24.15 -2.29 0.39
N ALA C 95 24.38 -1.08 -0.11
CA ALA C 95 25.75 -0.52 -0.12
C ALA C 95 25.62 1.00 -0.15
N PRO C 96 26.74 1.75 0.09
CA PRO C 96 26.63 3.21 0.00
C PRO C 96 26.14 3.65 -1.39
N PRO C 97 25.54 4.84 -1.52
CA PRO C 97 24.92 5.17 -2.79
C PRO C 97 25.80 5.20 -4.00
N ASP C 98 27.06 5.59 -3.81
N ASP C 98 27.05 5.59 -3.81
CA ASP C 98 27.99 5.71 -4.93
CA ASP C 98 27.98 5.72 -4.93
C ASP C 98 28.76 4.43 -5.14
C ASP C 98 28.72 4.41 -5.19
N THR C 99 28.23 3.32 -4.62
CA THR C 99 28.87 1.98 -4.81
C THR C 99 29.14 1.60 -6.24
N GLN C 100 30.36 1.09 -6.45
CA GLN C 100 30.79 0.56 -7.75
C GLN C 100 31.12 -0.91 -7.65
N PRO C 101 31.31 -1.61 -8.81
CA PRO C 101 31.69 -3.03 -8.81
C PRO C 101 33.04 -3.37 -8.16
N GLN C 102 33.03 -4.30 -7.21
CA GLN C 102 34.26 -4.75 -6.55
C GLN C 102 34.80 -6.00 -7.25
N LYS C 103 35.71 -6.72 -6.59
CA LYS C 103 36.25 -7.93 -7.19
C LYS C 103 35.39 -9.02 -7.77
N ASP C 104 35.78 -9.50 -8.95
CA ASP C 104 35.06 -10.55 -9.66
C ASP C 104 35.21 -11.94 -9.07
N GLY C 105 34.69 -12.94 -9.75
CA GLY C 105 34.75 -14.32 -9.31
C GLY C 105 34.04 -14.57 -7.97
N GLY C 106 34.72 -15.24 -7.06
CA GLY C 106 34.15 -15.50 -5.74
C GLY C 106 33.75 -14.30 -4.89
N PHE C 107 34.20 -13.12 -5.26
CA PHE C 107 33.87 -11.92 -4.51
C PHE C 107 32.51 -11.33 -4.92
N LEU C 108 31.95 -11.92 -5.98
CA LEU C 108 30.55 -11.68 -6.44
C LEU C 108 30.31 -10.24 -6.92
N GLY C 109 31.39 -9.50 -7.22
CA GLY C 109 31.23 -8.08 -7.52
C GLY C 109 30.96 -7.18 -6.33
N LEU C 110 31.02 -7.73 -5.12
CA LEU C 110 30.62 -6.95 -3.90
C LEU C 110 31.76 -6.63 -2.93
N PHE C 111 32.66 -7.58 -2.77
CA PHE C 111 33.74 -7.46 -1.81
C PHE C 111 35.13 -7.51 -2.48
N ASN C 112 36.20 -7.42 -1.68
CA ASN C 112 37.55 -7.54 -2.23
C ASN C 112 38.62 -7.91 -1.19
N ASP C 113 39.70 -8.47 -1.66
CA ASP C 113 40.80 -8.89 -0.83
C ASP C 113 41.23 -7.74 0.02
N SER C 114 41.57 -6.63 -0.61
CA SER C 114 42.25 -5.48 0.01
C SER C 114 42.40 -5.48 1.50
N ILE C 118 35.14 -2.29 2.98
CA ILE C 118 33.93 -2.24 2.17
C ILE C 118 32.68 -2.38 3.00
N GLN C 119 31.79 -1.40 2.93
CA GLN C 119 30.47 -1.53 3.59
C GLN C 119 29.48 -2.10 2.57
N THR C 120 28.98 -3.28 2.85
CA THR C 120 27.95 -3.88 2.03
C THR C 120 27.37 -4.99 2.84
N VAL C 121 26.05 -5.03 2.85
CA VAL C 121 25.34 -6.17 3.49
C VAL C 121 24.61 -6.89 2.34
N ALA C 122 24.70 -8.22 2.33
CA ALA C 122 24.19 -9.00 1.21
C ALA C 122 23.57 -10.30 1.64
N VAL C 123 22.64 -10.78 0.85
CA VAL C 123 22.15 -12.14 0.89
C VAL C 123 22.69 -12.79 -0.41
N GLU C 124 23.55 -13.80 -0.27
CA GLU C 124 24.20 -14.42 -1.44
C GLU C 124 23.59 -15.77 -1.74
N PHE C 125 23.57 -16.14 -3.00
CA PHE C 125 23.17 -17.45 -3.49
C PHE C 125 24.43 -17.96 -4.20
N ASP C 126 25.21 -18.77 -3.46
CA ASP C 126 26.63 -18.99 -3.78
C ASP C 126 26.78 -20.40 -4.34
N THR C 127 27.23 -20.47 -5.61
CA THR C 127 27.25 -21.69 -6.37
C THR C 127 28.64 -22.39 -6.44
N PHE C 128 29.66 -21.77 -5.86
CA PHE C 128 31.05 -22.28 -5.95
C PHE C 128 31.77 -22.15 -4.60
N SER C 129 32.38 -23.25 -4.12
CA SER C 129 33.05 -23.26 -2.81
C SER C 129 34.46 -22.68 -2.84
N ASN C 130 34.61 -21.43 -2.44
CA ASN C 130 35.89 -20.75 -2.28
C ASN C 130 36.50 -21.15 -0.94
N THR C 131 37.71 -20.63 -0.64
CA THR C 131 38.42 -21.10 0.55
C THR C 131 37.63 -20.80 1.84
N TRP C 132 36.90 -19.68 1.81
CA TRP C 132 36.09 -19.19 2.95
C TRP C 132 34.64 -19.76 3.05
N ASP C 133 34.25 -20.61 2.11
CA ASP C 133 32.87 -21.16 1.98
C ASP C 133 32.75 -22.55 2.54
N PRO C 134 31.56 -22.95 2.99
CA PRO C 134 31.25 -24.36 3.18
C PRO C 134 31.36 -25.09 1.84
N SER C 135 31.49 -26.42 1.83
CA SER C 135 31.57 -27.16 0.58
C SER C 135 30.34 -27.13 -0.30
N ALA C 136 29.17 -27.17 0.31
CA ALA C 136 27.92 -27.17 -0.47
C ALA C 136 27.54 -25.77 -0.95
N ARG C 137 26.84 -25.72 -2.10
CA ARG C 137 26.14 -24.47 -2.50
C ARG C 137 25.31 -24.00 -1.32
N HIS C 138 25.17 -22.69 -1.13
CA HIS C 138 24.54 -22.12 0.06
C HIS C 138 23.93 -20.72 -0.14
N ILE C 139 22.99 -20.43 0.77
CA ILE C 139 22.45 -19.11 0.94
C ILE C 139 23.07 -18.52 2.18
N GLY C 140 23.77 -17.40 1.99
CA GLY C 140 24.46 -16.79 3.07
C GLY C 140 24.07 -15.34 3.33
N ILE C 141 24.18 -14.95 4.61
CA ILE C 141 24.06 -13.57 5.03
C ILE C 141 25.44 -13.05 5.33
N ASN C 142 25.76 -11.96 4.64
CA ASN C 142 27.12 -11.35 4.60
C ASN C 142 27.09 -9.95 5.12
N VAL C 143 27.95 -9.68 6.10
CA VAL C 143 28.04 -8.34 6.68
C VAL C 143 29.45 -7.82 6.54
N ASN C 144 29.71 -7.06 5.50
CA ASN C 144 31.02 -6.39 5.29
C ASN C 144 32.15 -7.41 5.12
N SER C 145 31.84 -8.59 4.58
CA SER C 145 32.81 -9.61 4.30
C SER C 145 32.23 -10.61 3.36
N ILE C 146 33.07 -11.18 2.52
CA ILE C 146 32.62 -12.26 1.61
C ILE C 146 32.41 -13.58 2.40
N GLU C 147 32.94 -13.63 3.63
CA GLU C 147 32.70 -14.79 4.46
C GLU C 147 31.38 -14.60 5.20
N SER C 148 30.40 -15.46 4.95
CA SER C 148 29.08 -15.24 5.53
C SER C 148 29.10 -15.36 7.06
N MET C 149 28.31 -14.56 7.72
CA MET C 149 28.13 -14.72 9.15
C MET C 149 27.22 -15.94 9.49
N LYS C 150 26.31 -16.30 8.58
CA LYS C 150 25.45 -17.46 8.78
C LYS C 150 24.91 -17.94 7.43
N TYR C 151 24.86 -19.25 7.22
CA TYR C 151 24.41 -19.76 5.95
C TYR C 151 23.54 -20.98 6.15
N VAL C 152 22.83 -21.34 5.08
CA VAL C 152 22.09 -22.59 5.03
C VAL C 152 22.45 -23.30 3.73
N LYS C 153 22.63 -24.61 3.77
CA LYS C 153 22.91 -25.35 2.56
C LYS C 153 21.71 -25.24 1.59
N TRP C 154 22.00 -25.07 0.31
CA TRP C 154 21.01 -24.75 -0.72
C TRP C 154 21.04 -25.78 -1.82
N GLY C 155 19.91 -26.46 -2.03
CA GLY C 155 19.75 -27.38 -3.19
C GLY C 155 19.35 -26.62 -4.43
N TRP C 156 20.33 -26.06 -5.11
CA TRP C 156 20.10 -25.37 -6.40
C TRP C 156 19.47 -26.27 -7.43
N GLU C 157 18.45 -25.75 -8.11
CA GLU C 157 17.78 -26.46 -9.18
C GLU C 157 18.06 -25.70 -10.47
N ASN C 158 18.85 -26.35 -11.32
CA ASN C 158 19.31 -25.76 -12.56
C ASN C 158 18.15 -25.33 -13.46
N GLY C 159 18.18 -24.06 -13.83
CA GLY C 159 17.22 -23.53 -14.73
C GLY C 159 15.82 -23.30 -14.15
N LYS C 160 15.57 -23.59 -12.87
CA LYS C 160 14.20 -23.45 -12.30
C LYS C 160 14.07 -22.07 -11.62
N VAL C 161 12.86 -21.51 -11.69
CA VAL C 161 12.59 -20.22 -11.04
C VAL C 161 12.64 -20.39 -9.54
N ALA C 162 13.42 -19.51 -8.91
CA ALA C 162 13.53 -19.44 -7.49
C ALA C 162 12.83 -18.18 -7.02
N ASN C 163 11.95 -18.34 -6.07
CA ASN C 163 11.25 -17.18 -5.46
C ASN C 163 11.96 -16.83 -4.12
N VAL C 164 12.45 -15.61 -3.99
CA VAL C 164 13.14 -15.10 -2.79
C VAL C 164 12.29 -14.09 -2.01
N TYR C 165 12.30 -14.20 -0.67
CA TYR C 165 11.72 -13.18 0.19
C TYR C 165 12.74 -12.88 1.28
N ILE C 166 13.09 -11.63 1.43
CA ILE C 166 14.01 -11.15 2.45
C ILE C 166 13.37 -10.05 3.30
N SER C 167 13.44 -10.14 4.64
CA SER C 167 12.85 -9.12 5.50
C SER C 167 13.86 -8.74 6.56
N TYR C 168 13.81 -7.49 6.99
CA TYR C 168 14.63 -6.98 8.12
C TYR C 168 13.71 -6.30 9.13
N GLU C 169 13.76 -6.79 10.37
CA GLU C 169 12.91 -6.32 11.44
C GLU C 169 13.82 -5.44 12.33
N ALA C 170 13.72 -4.14 12.16
CA ALA C 170 14.61 -3.22 12.89
C ALA C 170 14.55 -3.41 14.45
N SER C 171 13.36 -3.67 14.96
CA SER C 171 13.22 -3.75 16.48
C SER C 171 13.99 -4.92 17.09
N THR C 172 14.25 -5.96 16.32
CA THR C 172 15.01 -7.12 16.82
C THR C 172 16.36 -7.34 16.10
N LYS C 173 16.66 -6.45 15.17
CA LYS C 173 17.79 -6.55 14.28
C LYS C 173 17.82 -7.88 13.51
N THR C 174 16.67 -8.42 13.12
CA THR C 174 16.68 -9.75 12.52
C THR C 174 16.54 -9.67 10.99
N LEU C 175 17.55 -10.17 10.27
CA LEU C 175 17.51 -10.30 8.80
C LEU C 175 17.18 -11.78 8.51
N THR C 176 16.11 -12.00 7.73
CA THR C 176 15.66 -13.36 7.34
C THR C 176 15.57 -13.46 5.82
N ALA C 177 16.13 -14.52 5.27
CA ALA C 177 16.14 -14.76 3.82
C ALA C 177 15.62 -16.16 3.51
N SER C 178 14.68 -16.25 2.58
CA SER C 178 14.14 -17.53 2.16
C SER C 178 14.15 -17.68 0.64
N LEU C 179 14.28 -18.92 0.21
CA LEU C 179 14.15 -19.28 -1.20
C LEU C 179 13.20 -20.45 -1.33
N THR C 180 12.31 -20.34 -2.31
CA THR C 180 11.42 -21.42 -2.64
C THR C 180 11.47 -21.74 -4.11
N TYR C 181 11.57 -23.03 -4.46
CA TYR C 181 11.26 -23.46 -5.84
C TYR C 181 9.79 -23.89 -6.02
N PRO C 182 8.98 -23.12 -6.74
CA PRO C 182 7.59 -23.60 -6.95
C PRO C 182 7.46 -24.92 -7.73
N SER C 183 8.44 -25.20 -8.59
CA SER C 183 8.47 -26.42 -9.41
C SER C 183 8.39 -27.68 -8.54
N ASN C 184 9.09 -27.74 -7.42
CA ASN C 184 9.03 -28.90 -6.55
C ASN C 184 8.69 -28.53 -5.11
N ALA C 185 8.17 -27.36 -4.90
CA ALA C 185 7.67 -26.91 -3.61
C ALA C 185 8.69 -27.15 -2.50
N THR C 186 9.94 -26.81 -2.75
N THR C 186 9.97 -26.87 -2.79
CA THR C 186 10.99 -27.02 -1.76
CA THR C 186 11.08 -27.04 -1.82
C THR C 186 11.55 -25.67 -1.37
C THR C 186 11.58 -25.67 -1.39
N SER C 187 11.84 -25.51 -0.09
CA SER C 187 12.27 -24.22 0.45
C SER C 187 13.43 -24.28 1.41
N TYR C 188 14.08 -23.14 1.56
CA TYR C 188 15.27 -23.00 2.39
C TYR C 188 15.18 -21.63 3.11
N ILE C 189 15.68 -21.54 4.33
CA ILE C 189 15.64 -20.26 5.05
C ILE C 189 16.88 -20.10 5.94
N VAL C 190 17.25 -18.86 6.20
CA VAL C 190 18.33 -18.59 7.15
C VAL C 190 18.07 -17.21 7.73
N SER C 191 18.36 -17.04 9.02
CA SER C 191 18.25 -15.70 9.69
C SER C 191 19.56 -15.37 10.40
N ALA C 192 19.76 -14.08 10.63
CA ALA C 192 20.84 -13.57 11.41
C ALA C 192 20.51 -12.28 12.09
N ASN C 193 21.16 -12.06 13.24
CA ASN C 193 21.12 -10.77 13.96
C ASN C 193 22.14 -9.83 13.31
N VAL C 194 21.68 -8.76 12.67
CA VAL C 194 22.47 -7.85 11.89
C VAL C 194 22.19 -6.43 12.30
N ASP C 195 23.22 -5.70 12.69
CA ASP C 195 23.05 -4.30 13.06
C ASP C 195 23.35 -3.42 11.87
N LEU C 196 22.31 -2.84 11.26
CA LEU C 196 22.52 -2.05 10.04
C LEU C 196 23.22 -0.76 10.30
N LYS C 197 22.93 -0.17 11.44
CA LYS C 197 23.56 1.08 11.82
C LYS C 197 25.08 0.98 11.95
N SER C 198 25.63 -0.14 12.40
CA SER C 198 27.05 -0.25 12.48
C SER C 198 27.68 -0.74 11.20
N ALA C 199 26.93 -1.41 10.32
CA ALA C 199 27.50 -1.97 9.11
C ALA C 199 27.43 -1.04 7.92
N LEU C 200 26.47 -0.12 7.89
CA LEU C 200 26.23 0.71 6.69
C LEU C 200 26.00 2.17 6.98
N PRO C 201 26.13 3.05 5.97
CA PRO C 201 25.82 4.46 6.25
C PRO C 201 24.30 4.68 6.26
N GLU C 202 23.88 5.87 6.64
CA GLU C 202 22.46 6.23 6.82
C GLU C 202 21.60 6.07 5.56
N TRP C 203 22.21 6.32 4.41
CA TRP C 203 21.58 6.17 3.10
C TRP C 203 22.33 5.10 2.29
N VAL C 204 21.61 4.24 1.56
CA VAL C 204 22.21 3.20 0.79
C VAL C 204 21.50 3.08 -0.57
N ARG C 205 22.11 2.44 -1.56
CA ARG C 205 21.35 1.91 -2.67
C ARG C 205 21.24 0.41 -2.52
N VAL C 206 20.19 -0.14 -3.12
CA VAL C 206 19.87 -1.54 -3.05
C VAL C 206 19.76 -2.16 -4.40
N GLY C 207 20.03 -3.46 -4.48
CA GLY C 207 20.02 -4.11 -5.75
C GLY C 207 20.67 -5.46 -5.81
N PHE C 208 21.16 -5.80 -7.01
CA PHE C 208 21.69 -7.14 -7.27
C PHE C 208 23.11 -7.13 -7.86
N SER C 209 23.85 -8.19 -7.60
CA SER C 209 25.16 -8.34 -8.15
C SER C 209 25.38 -9.80 -8.49
N ALA C 210 26.14 -10.10 -9.55
CA ALA C 210 26.43 -11.51 -9.88
C ALA C 210 27.73 -11.61 -10.68
N THR C 211 28.40 -12.74 -10.53
CA THR C 211 29.64 -13.08 -11.31
C THR C 211 29.55 -14.49 -11.82
N SER C 212 30.10 -14.68 -13.02
CA SER C 212 30.41 -15.99 -13.55
C SER C 212 31.90 -16.40 -13.31
N GLY C 213 32.20 -17.68 -13.44
CA GLY C 213 33.49 -18.19 -13.00
C GLY C 213 34.70 -17.56 -13.71
N LEU C 214 35.86 -17.78 -13.12
CA LEU C 214 37.10 -17.29 -13.72
C LEU C 214 37.80 -18.41 -14.52
N SER C 215 37.06 -19.42 -14.95
CA SER C 215 37.57 -20.36 -15.94
C SER C 215 36.46 -20.69 -16.94
N ARG C 216 36.86 -21.06 -18.17
CA ARG C 216 35.90 -21.24 -19.23
C ARG C 216 34.86 -22.28 -18.98
N ASP C 217 35.20 -23.30 -18.19
CA ASP C 217 34.32 -24.43 -17.94
C ASP C 217 33.40 -24.30 -16.68
N HIS C 218 33.36 -23.12 -16.04
CA HIS C 218 32.55 -22.94 -14.80
C HIS C 218 31.66 -21.73 -15.08
N VAL C 219 30.64 -21.90 -15.90
CA VAL C 219 29.82 -20.76 -16.34
C VAL C 219 28.32 -21.02 -16.02
N GLU C 220 27.56 -19.94 -15.83
CA GLU C 220 26.13 -20.04 -15.56
C GLU C 220 25.48 -18.66 -15.62
N THR C 221 24.18 -18.64 -15.90
CA THR C 221 23.44 -17.36 -16.00
C THR C 221 23.02 -16.93 -14.58
N HIS C 222 22.70 -15.64 -14.43
CA HIS C 222 22.19 -15.09 -13.19
C HIS C 222 21.14 -14.05 -13.55
N ASP C 223 19.91 -14.51 -13.75
CA ASP C 223 18.85 -13.69 -14.31
C ASP C 223 17.81 -13.37 -13.26
N VAL C 224 17.40 -12.12 -13.18
CA VAL C 224 16.35 -11.70 -12.24
C VAL C 224 15.07 -11.36 -13.08
N LEU C 225 13.92 -11.90 -12.70
CA LEU C 225 12.73 -11.83 -13.52
C LEU C 225 11.77 -10.73 -13.07
N ASP C 226 11.76 -10.43 -11.78
CA ASP C 226 10.87 -9.40 -11.22
C ASP C 226 11.44 -8.95 -9.87
N TRP C 227 10.92 -7.85 -9.34
CA TRP C 227 11.42 -7.35 -8.08
C TRP C 227 10.43 -6.39 -7.44
N SER C 228 10.21 -6.55 -6.12
CA SER C 228 9.40 -5.64 -5.33
C SER C 228 10.25 -5.34 -4.07
N PHE C 229 10.19 -4.08 -3.62
CA PHE C 229 10.93 -3.62 -2.43
C PHE C 229 10.09 -2.55 -1.67
N THR C 230 10.13 -2.61 -0.33
CA THR C 230 9.50 -1.61 0.52
C THR C 230 10.40 -1.41 1.74
N SER C 231 10.56 -0.16 2.14
CA SER C 231 11.24 0.14 3.41
C SER C 231 10.48 1.28 4.14
N THR C 232 10.45 1.24 5.47
CA THR C 232 9.78 2.25 6.30
C THR C 232 10.73 2.66 7.38
N LEU C 233 11.04 3.96 7.45
CA LEU C 233 11.89 4.52 8.51
C LEU C 233 10.93 5.29 9.42
N GLN C 234 10.75 4.79 10.64
CA GLN C 234 9.88 5.45 11.55
C GLN C 234 10.38 5.31 13.00
N ALA C 235 9.78 6.05 13.92
CA ALA C 235 10.17 5.93 15.31
C ALA C 235 9.85 4.55 15.88
N PRO C 236 10.73 3.99 16.71
CA PRO C 236 10.39 2.76 17.43
C PRO C 236 9.04 2.90 18.15
N SER C 237 8.24 1.83 18.13
CA SER C 237 6.97 1.82 18.85
C SER C 237 7.24 1.65 20.35
N ASP C 238 6.52 2.40 21.21
CA ASP C 238 6.66 2.34 22.70
C ASP C 238 5.63 1.46 23.40
N ASP C 239 4.68 0.96 22.63
CA ASP C 239 3.53 0.28 23.23
C ASP C 239 3.31 -1.10 22.66
N SER C 240 4.29 -1.71 21.98
CA SER C 240 3.96 -3.02 21.38
C SER C 240 4.46 -4.12 22.31
N ASN C 241 4.28 -5.37 21.88
CA ASN C 241 4.71 -6.52 22.67
C ASN C 241 3.86 -7.76 22.39
N MET D 1 3.66 -6.72 -16.55
CA MET D 1 3.22 -5.60 -17.25
C MET D 1 2.82 -4.51 -16.25
N SER D 2 3.24 -4.55 -14.98
N SER D 2 3.29 -4.53 -15.01
CA SER D 2 3.00 -3.46 -14.03
CA SER D 2 3.01 -3.47 -14.06
C SER D 2 4.28 -2.96 -13.35
C SER D 2 4.29 -2.97 -13.36
N GLU D 3 4.40 -1.65 -13.27
CA GLU D 3 5.50 -0.99 -12.59
C GLU D 3 4.81 0.00 -11.60
N VAL D 4 5.07 -0.11 -10.30
CA VAL D 4 4.44 0.76 -9.32
C VAL D 4 5.57 1.39 -8.48
N VAL D 5 5.43 2.69 -8.21
N VAL D 5 5.43 2.69 -8.21
CA VAL D 5 6.35 3.38 -7.32
CA VAL D 5 6.36 3.38 -7.33
C VAL D 5 5.61 4.33 -6.40
C VAL D 5 5.61 4.33 -6.39
N SER D 6 6.01 4.34 -5.12
CA SER D 6 5.32 5.17 -4.10
C SER D 6 6.42 5.66 -3.14
N PHE D 7 6.32 6.89 -2.70
CA PHE D 7 7.17 7.39 -1.59
C PHE D 7 6.32 8.38 -0.75
N SER D 8 6.71 8.53 0.52
CA SER D 8 5.98 9.39 1.39
C SER D 8 6.94 9.87 2.45
N PHE D 9 6.96 11.18 2.73
CA PHE D 9 7.81 11.77 3.80
C PHE D 9 6.87 12.66 4.64
N THR D 10 6.76 12.47 5.94
CA THR D 10 6.00 13.38 6.77
C THR D 10 6.73 14.70 7.06
N LYS D 11 8.02 14.71 6.83
CA LYS D 11 8.87 15.89 6.90
C LYS D 11 10.12 15.47 6.17
N PHE D 12 10.91 16.44 5.72
CA PHE D 12 12.17 16.12 5.01
C PHE D 12 13.37 16.01 5.95
N ASN D 13 14.25 15.05 5.70
CA ASN D 13 15.52 14.97 6.43
C ASN D 13 16.43 16.09 5.93
N PRO D 14 17.19 16.72 6.82
CA PRO D 14 17.97 17.88 6.42
C PRO D 14 19.03 17.64 5.37
N ASN D 15 19.52 16.44 5.19
CA ASN D 15 20.41 16.23 4.04
C ASN D 15 19.86 15.08 3.19
N PRO D 16 18.81 15.34 2.39
CA PRO D 16 18.04 14.23 1.84
C PRO D 16 18.68 13.68 0.59
N LYS D 17 19.25 12.48 0.67
CA LYS D 17 19.96 11.90 -0.46
C LYS D 17 19.06 11.57 -1.65
N ASP D 18 17.79 11.30 -1.37
CA ASP D 18 16.79 10.90 -2.39
C ASP D 18 16.03 12.11 -3.02
N ILE D 19 16.48 13.34 -2.71
CA ILE D 19 15.99 14.56 -3.31
C ILE D 19 17.20 15.24 -4.02
N ILE D 20 17.00 15.60 -5.27
CA ILE D 20 17.91 16.43 -6.07
C ILE D 20 17.54 17.90 -5.85
N LEU D 21 18.38 18.63 -5.10
CA LEU D 21 18.12 20.05 -4.81
C LEU D 21 18.74 20.89 -5.91
N GLN D 22 18.01 21.85 -6.44
CA GLN D 22 18.53 22.70 -7.51
C GLN D 22 18.34 24.18 -7.17
N GLY D 23 19.24 25.02 -7.70
CA GLY D 23 19.18 26.45 -7.36
C GLY D 23 19.36 26.72 -5.88
N ASP D 24 18.48 27.54 -5.30
CA ASP D 24 18.54 27.93 -3.91
C ASP D 24 17.89 26.98 -2.88
N ALA D 25 17.27 25.90 -3.34
CA ALA D 25 16.47 25.05 -2.46
C ALA D 25 17.34 24.41 -1.38
N LEU D 26 16.83 24.34 -0.18
CA LEU D 26 17.47 23.64 0.89
C LEU D 26 16.41 23.08 1.84
N VAL D 27 16.79 22.15 2.70
CA VAL D 27 15.91 21.66 3.75
C VAL D 27 16.44 22.20 5.07
N THR D 28 15.54 22.79 5.85
CA THR D 28 15.88 23.33 7.13
C THR D 28 16.09 22.27 8.21
N SER D 29 16.62 22.71 9.34
N SER D 29 16.62 22.71 9.35
CA SER D 29 16.88 21.81 10.45
CA SER D 29 16.87 21.80 10.45
C SER D 29 15.61 21.19 10.99
C SER D 29 15.60 21.17 10.96
N LYS D 30 14.49 21.88 10.87
CA LYS D 30 13.22 21.33 11.28
C LYS D 30 12.52 20.55 10.19
N GLY D 31 13.16 20.36 9.04
CA GLY D 31 12.67 19.40 8.00
C GLY D 31 11.68 20.05 7.03
N LYS D 32 11.75 21.36 6.89
CA LYS D 32 10.96 22.04 5.83
C LYS D 32 11.75 22.20 4.57
N LEU D 33 11.14 21.91 3.42
CA LEU D 33 11.76 22.20 2.14
C LEU D 33 11.58 23.65 1.74
N GLN D 34 12.64 24.42 1.88
CA GLN D 34 12.54 25.86 1.66
C GLN D 34 13.06 26.15 0.25
N LEU D 35 12.16 26.29 -0.73
CA LEU D 35 12.59 26.32 -2.11
C LEU D 35 13.34 27.61 -2.47
N THR D 36 12.89 28.70 -1.90
CA THR D 36 13.47 30.06 -2.18
C THR D 36 14.07 30.66 -0.95
N LYS D 37 15.04 31.51 -1.19
CA LYS D 37 15.96 31.91 -0.17
C LYS D 37 15.35 32.73 0.96
N VAL D 38 15.77 32.42 2.18
CA VAL D 38 15.33 33.18 3.37
C VAL D 38 16.60 33.62 4.12
N LYS D 39 16.79 34.92 4.36
CA LYS D 39 18.00 35.39 5.05
C LYS D 39 17.54 36.24 6.21
N ASP D 40 18.04 35.92 7.40
CA ASP D 40 17.64 36.56 8.68
C ASP D 40 16.15 36.54 8.87
N GLY D 41 15.51 35.45 8.52
CA GLY D 41 14.09 35.38 8.69
C GLY D 41 13.25 36.03 7.62
N LYS D 42 13.82 36.64 6.59
CA LYS D 42 13.03 37.33 5.56
C LYS D 42 13.25 36.68 4.20
N PRO D 43 12.18 36.54 3.38
CA PRO D 43 12.41 36.06 2.02
C PRO D 43 13.14 37.07 1.15
N VAL D 44 13.99 36.58 0.29
CA VAL D 44 14.82 37.39 -0.56
C VAL D 44 14.34 37.34 -2.01
N ASP D 45 14.47 38.46 -2.72
CA ASP D 45 14.21 38.55 -4.18
C ASP D 45 15.18 37.81 -5.09
N HIS D 46 14.81 37.66 -6.34
CA HIS D 46 15.61 37.03 -7.38
C HIS D 46 16.07 35.61 -6.98
N SER D 47 15.18 34.84 -6.39
CA SER D 47 15.52 33.46 -5.91
C SER D 47 14.74 32.46 -6.74
N LEU D 48 15.39 31.34 -7.03
CA LEU D 48 14.81 30.20 -7.77
C LEU D 48 15.34 28.95 -7.09
N GLY D 49 14.42 28.03 -6.76
CA GLY D 49 14.76 26.73 -6.16
C GLY D 49 13.88 25.62 -6.73
N ARG D 50 14.45 24.43 -6.92
CA ARG D 50 13.68 23.30 -7.33
C ARG D 50 14.15 22.07 -6.58
N ALA D 51 13.32 21.02 -6.61
CA ALA D 51 13.61 19.80 -5.89
C ALA D 51 12.96 18.66 -6.56
N LEU D 52 13.68 17.57 -6.84
CA LEU D 52 13.09 16.40 -7.59
C LEU D 52 13.39 15.13 -6.84
N TYR D 53 12.50 14.17 -6.94
CA TYR D 53 12.75 12.88 -6.39
C TYR D 53 13.84 12.19 -7.20
N ALA D 54 14.72 11.42 -6.52
CA ALA D 54 15.86 10.86 -7.17
C ALA D 54 15.56 9.87 -8.29
N ALA D 55 14.53 9.03 -8.12
CA ALA D 55 14.16 8.07 -9.16
C ALA D 55 13.28 8.68 -10.23
N PRO D 56 13.64 8.51 -11.52
CA PRO D 56 12.75 8.78 -12.62
C PRO D 56 11.55 7.86 -12.51
N ILE D 57 10.44 8.37 -13.00
CA ILE D 57 9.14 7.69 -12.98
C ILE D 57 8.76 7.34 -14.42
N HIS D 58 8.23 6.13 -14.61
CA HIS D 58 7.89 5.60 -15.93
C HIS D 58 6.45 5.97 -16.22
N ILE D 59 6.25 7.05 -16.97
CA ILE D 59 4.90 7.60 -17.15
C ILE D 59 4.15 7.14 -18.41
N TRP D 60 4.89 6.68 -19.43
CA TRP D 60 4.24 5.97 -20.54
C TRP D 60 5.27 5.10 -21.20
N ASP D 61 4.83 4.13 -22.00
CA ASP D 61 5.71 3.15 -22.64
C ASP D 61 5.25 2.97 -24.12
N ASP D 62 6.06 3.43 -25.03
CA ASP D 62 5.82 3.30 -26.49
C ASP D 62 5.58 1.84 -26.89
N SER D 63 6.39 0.92 -26.34
CA SER D 63 6.24 -0.52 -26.63
C SER D 63 4.94 -1.22 -26.27
N THR D 64 4.17 -0.71 -25.33
CA THR D 64 3.01 -1.45 -24.89
C THR D 64 1.78 -0.56 -24.80
N ASP D 65 1.86 0.68 -25.20
CA ASP D 65 0.67 1.53 -25.01
C ASP D 65 0.13 1.63 -23.54
N ARG D 66 1.01 1.45 -22.58
CA ARG D 66 0.63 1.79 -21.19
C ARG D 66 0.84 3.28 -20.93
N VAL D 67 -0.01 3.85 -20.05
CA VAL D 67 0.15 5.23 -19.62
C VAL D 67 -0.09 5.21 -18.14
N ALA D 68 0.71 5.92 -17.36
CA ALA D 68 0.50 5.84 -15.90
C ALA D 68 -0.67 6.67 -15.39
N SER D 69 -1.24 6.21 -14.29
CA SER D 69 -2.12 6.98 -13.41
C SER D 69 -1.30 7.27 -12.17
N PHE D 70 -1.43 8.48 -11.64
CA PHE D 70 -0.64 8.92 -10.46
C PHE D 70 -1.43 9.86 -9.57
N ALA D 71 -0.98 9.97 -8.32
CA ALA D 71 -1.54 10.89 -7.37
C ALA D 71 -0.45 11.39 -6.45
N THR D 72 -0.61 12.62 -6.01
CA THR D 72 0.39 13.21 -5.16
C THR D 72 -0.28 14.13 -4.19
N SER D 73 0.19 14.13 -2.94
CA SER D 73 -0.28 15.08 -1.96
C SER D 73 0.92 15.79 -1.32
N PHE D 74 0.69 17.02 -0.98
CA PHE D 74 1.71 17.76 -0.20
C PHE D 74 1.10 18.95 0.48
N SER D 75 1.80 19.49 1.48
N SER D 75 1.80 19.49 1.46
CA SER D 75 1.38 20.74 2.12
CA SER D 75 1.38 20.74 2.08
C SER D 75 2.42 21.79 1.88
C SER D 75 2.44 21.80 1.87
N PHE D 76 1.98 23.03 1.67
CA PHE D 76 2.90 24.15 1.49
C PHE D 76 2.43 25.42 2.17
N VAL D 77 3.40 26.31 2.37
CA VAL D 77 3.14 27.66 2.94
C VAL D 77 3.82 28.69 2.05
N VAL D 78 3.10 29.76 1.76
CA VAL D 78 3.62 30.97 1.11
C VAL D 78 3.31 32.14 2.09
N GLU D 79 4.39 32.74 2.63
CA GLU D 79 4.24 33.79 3.63
C GLU D 79 4.94 35.04 3.11
N ALA D 80 4.27 36.17 3.21
CA ALA D 80 4.78 37.39 2.55
C ALA D 80 4.67 38.56 3.58
N PRO D 81 5.72 39.36 3.69
CA PRO D 81 5.59 40.58 4.56
C PRO D 81 4.61 41.58 4.04
N ASP D 82 4.43 41.65 2.72
CA ASP D 82 3.45 42.56 2.13
C ASP D 82 2.44 41.81 1.29
N GLU D 83 1.19 41.77 1.73
CA GLU D 83 0.12 41.05 0.99
C GLU D 83 -0.25 41.68 -0.35
N SER D 84 0.03 42.98 -0.52
CA SER D 84 -0.26 43.62 -1.79
C SER D 84 0.91 43.48 -2.75
N LYS D 85 2.03 42.93 -2.31
CA LYS D 85 3.18 42.73 -3.20
C LYS D 85 3.78 41.31 -3.06
N THR D 86 3.18 40.38 -3.79
CA THR D 86 3.61 38.96 -3.78
C THR D 86 4.14 38.55 -5.15
N ALA D 87 5.26 37.79 -5.18
CA ALA D 87 5.68 37.12 -6.42
C ALA D 87 6.68 36.04 -6.09
N ASP D 88 6.91 35.04 -6.95
CA ASP D 88 6.11 34.75 -8.17
C ASP D 88 5.23 33.48 -8.05
N GLY D 89 5.64 32.52 -7.23
CA GLY D 89 4.84 31.32 -7.10
C GLY D 89 5.61 30.03 -6.88
N ILE D 90 4.81 28.95 -6.72
CA ILE D 90 5.32 27.61 -6.48
C ILE D 90 4.52 26.66 -7.37
N ALA D 91 5.18 25.58 -7.81
CA ALA D 91 4.57 24.58 -8.70
C ALA D 91 5.04 23.15 -8.38
N PHE D 92 4.15 22.20 -8.60
CA PHE D 92 4.47 20.81 -8.71
C PHE D 92 4.64 20.53 -10.20
N PHE D 93 5.62 19.73 -10.58
CA PHE D 93 5.86 19.45 -12.00
C PHE D 93 6.44 18.07 -12.31
N LEU D 94 6.35 17.74 -13.58
CA LEU D 94 6.95 16.62 -14.24
C LEU D 94 7.75 17.13 -15.48
N ALA D 95 8.97 16.63 -15.61
CA ALA D 95 9.88 17.04 -16.67
C ALA D 95 10.86 15.92 -17.00
N PRO D 96 11.58 16.01 -18.16
CA PRO D 96 12.56 14.96 -18.45
C PRO D 96 13.53 14.78 -17.32
N PRO D 97 14.13 13.58 -17.19
CA PRO D 97 14.95 13.31 -16.02
C PRO D 97 16.12 14.23 -15.78
N ASP D 98 16.70 14.74 -16.86
N ASP D 98 16.70 14.75 -16.87
CA ASP D 98 17.85 15.63 -16.73
CA ASP D 98 17.85 15.64 -16.78
C ASP D 98 17.47 17.11 -16.61
C ASP D 98 17.47 17.12 -16.62
N THR D 99 16.19 17.39 -16.39
CA THR D 99 15.71 18.76 -16.25
C THR D 99 16.59 19.61 -15.32
N GLN D 100 16.85 20.82 -15.82
CA GLN D 100 17.53 21.87 -15.08
C GLN D 100 16.67 23.13 -14.99
N PRO D 101 16.94 23.99 -13.99
CA PRO D 101 16.26 25.28 -13.79
C PRO D 101 16.12 25.99 -15.10
N GLN D 102 14.99 26.65 -15.30
CA GLN D 102 14.75 27.42 -16.49
C GLN D 102 14.42 28.83 -15.96
N LYS D 103 13.99 29.75 -16.81
CA LYS D 103 13.81 31.12 -16.38
C LYS D 103 13.19 31.46 -15.05
N ASP D 104 13.71 32.51 -14.42
CA ASP D 104 13.32 32.97 -13.07
C ASP D 104 12.03 33.84 -13.11
N GLY D 105 11.70 34.52 -12.02
CA GLY D 105 10.51 35.36 -12.04
C GLY D 105 9.23 34.64 -12.44
N GLY D 106 8.42 35.28 -13.28
CA GLY D 106 7.13 34.70 -13.67
C GLY D 106 7.22 33.35 -14.36
N PHE D 107 8.43 32.97 -14.78
CA PHE D 107 8.61 31.70 -15.43
C PHE D 107 8.74 30.49 -14.45
N LEU D 108 8.82 30.79 -13.16
CA LEU D 108 8.66 29.84 -12.06
C LEU D 108 9.78 28.79 -11.99
N GLY D 109 10.89 29.06 -12.68
CA GLY D 109 11.97 28.10 -12.85
C GLY D 109 11.70 26.95 -13.76
N LEU D 110 10.52 26.93 -14.42
CA LEU D 110 10.05 25.80 -15.26
C LEU D 110 10.14 26.08 -16.74
N PHE D 111 9.78 27.30 -17.15
CA PHE D 111 9.59 27.55 -18.60
C PHE D 111 10.51 28.68 -19.04
N ASN D 112 10.44 29.02 -20.32
CA ASN D 112 11.18 30.21 -20.75
C ASN D 112 10.56 30.89 -21.97
N ASP D 113 11.21 31.93 -22.48
CA ASP D 113 10.66 32.76 -23.55
C ASP D 113 11.37 32.52 -24.91
N SER D 114 11.93 31.33 -25.08
CA SER D 114 12.62 30.98 -26.32
C SER D 114 11.64 30.69 -27.45
N SER D 117 9.27 25.17 -26.66
CA SER D 117 9.95 23.92 -26.90
C SER D 117 10.31 23.12 -25.62
N ILE D 118 10.00 23.65 -24.44
CA ILE D 118 10.27 22.94 -23.16
C ILE D 118 9.17 21.91 -22.77
N GLN D 119 9.58 20.68 -22.48
CA GLN D 119 8.63 19.64 -22.04
C GLN D 119 8.57 19.71 -20.51
N THR D 120 7.44 20.17 -20.03
CA THR D 120 7.18 20.19 -18.60
C THR D 120 5.67 20.30 -18.43
N VAL D 121 5.08 19.47 -17.56
CA VAL D 121 3.67 19.67 -17.19
C VAL D 121 3.70 20.06 -15.70
N ALA D 122 2.91 21.07 -15.34
CA ALA D 122 2.92 21.65 -13.98
C ALA D 122 1.57 22.03 -13.46
N VAL D 123 1.43 21.97 -12.15
CA VAL D 123 0.31 22.60 -11.50
C VAL D 123 0.93 23.76 -10.73
N GLU D 124 0.56 24.98 -11.08
CA GLU D 124 1.15 26.17 -10.48
C GLU D 124 0.21 26.92 -9.53
N PHE D 125 0.81 27.45 -8.47
CA PHE D 125 0.14 28.27 -7.50
C PHE D 125 0.76 29.67 -7.65
N ASP D 126 0.05 30.50 -8.42
CA ASP D 126 0.69 31.68 -9.10
C ASP D 126 0.20 32.92 -8.35
N THR D 127 1.15 33.65 -7.75
CA THR D 127 0.92 34.75 -6.85
C THR D 127 1.15 36.15 -7.49
N PHE D 128 1.55 36.18 -8.75
CA PHE D 128 1.75 37.47 -9.44
C PHE D 128 1.23 37.43 -10.88
N SER D 129 0.45 38.48 -11.25
CA SER D 129 -0.17 38.53 -12.58
C SER D 129 0.78 39.08 -13.66
N ASN D 130 1.37 38.18 -14.44
CA ASN D 130 2.21 38.46 -15.59
C ASN D 130 1.30 38.77 -16.79
N THR D 131 1.88 39.16 -17.91
CA THR D 131 1.08 39.53 -19.09
C THR D 131 0.19 38.40 -19.62
N TRP D 132 0.63 37.16 -19.46
CA TRP D 132 -0.14 35.95 -19.83
C TRP D 132 -1.13 35.38 -18.77
N ASP D 133 -1.20 36.02 -17.61
CA ASP D 133 -2.01 35.57 -16.48
C ASP D 133 -3.36 36.28 -16.38
N PRO D 134 -4.36 35.67 -15.75
CA PRO D 134 -5.50 36.41 -15.29
C PRO D 134 -5.08 37.37 -14.20
N SER D 135 -5.92 38.35 -13.88
CA SER D 135 -5.58 39.34 -12.84
C SER D 135 -5.42 38.79 -11.42
N ALA D 136 -6.21 37.82 -11.04
CA ALA D 136 -6.21 37.30 -9.67
C ALA D 136 -5.15 36.24 -9.50
N ARG D 137 -4.76 35.99 -8.26
CA ARG D 137 -3.95 34.82 -7.95
C ARG D 137 -4.73 33.61 -8.47
N HIS D 138 -4.06 32.51 -8.77
CA HIS D 138 -4.73 31.38 -9.38
C HIS D 138 -3.94 30.10 -9.25
N ILE D 139 -4.69 28.99 -9.37
CA ILE D 139 -4.11 27.69 -9.56
C ILE D 139 -4.29 27.34 -11.02
N GLY D 140 -3.19 26.99 -11.66
CA GLY D 140 -3.13 26.70 -13.11
C GLY D 140 -2.62 25.33 -13.45
N ILE D 141 -3.18 24.72 -14.50
CA ILE D 141 -2.62 23.56 -15.15
C ILE D 141 -1.90 24.00 -16.42
N ASN D 142 -0.61 23.65 -16.48
CA ASN D 142 0.35 24.12 -17.50
C ASN D 142 0.87 22.93 -18.28
N VAL D 143 0.72 23.02 -19.62
CA VAL D 143 1.26 21.98 -20.53
C VAL D 143 2.23 22.58 -21.51
N ASN D 144 3.52 22.49 -21.21
CA ASN D 144 4.60 22.96 -22.07
C ASN D 144 4.50 24.45 -22.37
N SER D 145 3.92 25.20 -21.45
CA SER D 145 3.85 26.67 -21.56
C SER D 145 3.60 27.28 -20.20
N ILE D 146 4.13 28.47 -19.97
CA ILE D 146 3.85 29.25 -18.77
C ILE D 146 2.43 29.82 -18.75
N GLU D 147 1.79 29.87 -19.91
CA GLU D 147 0.42 30.25 -20.00
C GLU D 147 -0.45 29.01 -19.72
N SER D 148 -1.24 29.03 -18.65
CA SER D 148 -2.04 27.88 -18.25
C SER D 148 -3.09 27.50 -19.32
N MET D 149 -3.33 26.21 -19.49
CA MET D 149 -4.46 25.73 -20.29
C MET D 149 -5.82 25.92 -19.58
N LYS D 150 -5.82 25.87 -18.27
CA LYS D 150 -6.99 26.13 -17.48
C LYS D 150 -6.51 26.59 -16.11
N TYR D 151 -7.33 27.38 -15.45
CA TYR D 151 -7.03 27.86 -14.10
C TYR D 151 -8.30 28.08 -13.33
N VAL D 152 -8.11 28.21 -12.01
CA VAL D 152 -9.13 28.61 -11.09
C VAL D 152 -8.56 29.73 -10.20
N LYS D 153 -9.35 30.75 -9.98
CA LYS D 153 -8.98 31.84 -9.10
C LYS D 153 -8.77 31.30 -7.67
N TRP D 154 -7.71 31.77 -7.02
CA TRP D 154 -7.24 31.21 -5.77
C TRP D 154 -7.14 32.30 -4.72
N GLY D 155 -7.89 32.10 -3.66
CA GLY D 155 -7.78 32.96 -2.44
C GLY D 155 -6.63 32.54 -1.55
N TRP D 156 -5.46 33.05 -1.86
CA TRP D 156 -4.25 32.77 -1.06
C TRP D 156 -4.34 33.31 0.34
N GLU D 157 -4.01 32.47 1.31
CA GLU D 157 -4.06 32.86 2.74
C GLU D 157 -2.63 32.95 3.24
N ASN D 158 -2.18 34.17 3.48
CA ASN D 158 -0.79 34.42 3.90
C ASN D 158 -0.31 33.63 5.11
N GLY D 159 0.75 32.85 4.95
CA GLY D 159 1.32 32.07 6.03
C GLY D 159 0.53 30.84 6.52
N LYS D 160 -0.63 30.55 5.96
CA LYS D 160 -1.41 29.37 6.34
C LYS D 160 -1.02 28.11 5.53
N VAL D 161 -1.13 26.96 6.20
CA VAL D 161 -0.84 25.68 5.54
C VAL D 161 -1.90 25.39 4.51
N ALA D 162 -1.44 25.08 3.30
CA ALA D 162 -2.31 24.67 2.22
C ALA D 162 -2.05 23.19 1.94
N ASN D 163 -3.12 22.40 1.93
CA ASN D 163 -3.10 20.99 1.58
C ASN D 163 -3.48 20.83 0.08
N VAL D 164 -2.58 20.23 -0.68
CA VAL D 164 -2.77 19.94 -2.11
C VAL D 164 -2.95 18.45 -2.39
N TYR D 165 -3.85 18.14 -3.32
CA TYR D 165 -4.04 16.78 -3.84
C TYR D 165 -4.11 16.90 -5.39
N ILE D 166 -3.28 16.14 -6.09
CA ILE D 166 -3.25 16.09 -7.57
C ILE D 166 -3.35 14.70 -8.03
N SER D 167 -4.25 14.44 -8.98
CA SER D 167 -4.40 13.10 -9.48
C SER D 167 -4.45 13.13 -11.00
N TYR D 168 -3.95 12.09 -11.65
CA TYR D 168 -4.06 11.93 -13.10
C TYR D 168 -4.65 10.54 -13.42
N GLU D 169 -5.74 10.54 -14.17
CA GLU D 169 -6.50 9.32 -14.46
C GLU D 169 -6.15 9.03 -15.95
N ALA D 170 -5.28 8.11 -16.20
CA ALA D 170 -4.85 7.85 -17.60
C ALA D 170 -5.98 7.48 -18.55
N SER D 171 -6.97 6.75 -18.04
CA SER D 171 -8.03 6.24 -18.94
C SER D 171 -8.87 7.34 -19.54
N THR D 172 -8.92 8.48 -18.89
CA THR D 172 -9.69 9.64 -19.34
C THR D 172 -8.83 10.86 -19.65
N LYS D 173 -7.52 10.74 -19.46
CA LYS D 173 -6.56 11.82 -19.61
C LYS D 173 -6.91 13.02 -18.72
N THR D 174 -7.49 12.76 -17.51
CA THR D 174 -7.95 13.87 -16.69
C THR D 174 -6.96 14.18 -15.57
N LEU D 175 -6.41 15.38 -15.58
CA LEU D 175 -5.55 15.88 -14.46
C LEU D 175 -6.41 16.75 -13.57
N THR D 176 -6.42 16.46 -12.25
CA THR D 176 -7.24 17.21 -11.31
C THR D 176 -6.36 17.75 -10.19
N ALA D 177 -6.48 19.03 -9.85
CA ALA D 177 -5.69 19.61 -8.80
C ALA D 177 -6.59 20.36 -7.79
N SER D 178 -6.41 20.06 -6.51
CA SER D 178 -7.14 20.77 -5.47
C SER D 178 -6.22 21.37 -4.38
N LEU D 179 -6.70 22.44 -3.73
CA LEU D 179 -6.02 23.10 -2.60
C LEU D 179 -7.09 23.32 -1.50
N THR D 180 -6.76 22.94 -0.27
CA THR D 180 -7.60 23.21 0.89
C THR D 180 -6.80 23.91 1.95
N TYR D 181 -7.35 24.97 2.56
CA TYR D 181 -6.81 25.51 3.84
C TYR D 181 -7.56 24.93 5.04
N PRO D 182 -6.93 24.07 5.83
CA PRO D 182 -7.64 23.57 7.02
C PRO D 182 -8.01 24.70 8.02
N SER D 183 -7.25 25.78 8.04
CA SER D 183 -7.52 26.84 9.02
C SER D 183 -8.92 27.46 8.85
N ASN D 184 -9.40 27.59 7.64
CA ASN D 184 -10.76 28.11 7.39
C ASN D 184 -11.62 27.17 6.54
N ALA D 185 -11.18 25.94 6.37
CA ALA D 185 -11.95 24.94 5.63
C ALA D 185 -12.43 25.48 4.29
N THR D 186 -11.56 26.15 3.58
CA THR D 186 -11.89 26.64 2.28
C THR D 186 -11.05 25.87 1.21
N SER D 187 -11.67 25.58 0.06
CA SER D 187 -11.02 24.83 -1.00
C SER D 187 -11.27 25.33 -2.42
N TYR D 188 -10.35 24.92 -3.28
CA TYR D 188 -10.30 25.29 -4.70
C TYR D 188 -9.97 24.08 -5.52
N ILE D 189 -10.55 23.97 -6.71
CA ILE D 189 -10.22 22.83 -7.59
C ILE D 189 -10.20 23.23 -9.07
N VAL D 190 -9.39 22.56 -9.87
CA VAL D 190 -9.43 22.76 -11.32
C VAL D 190 -9.01 21.45 -11.98
N SER D 191 -9.62 21.13 -13.13
CA SER D 191 -9.24 19.92 -13.91
C SER D 191 -9.02 20.27 -15.38
N ALA D 192 -8.25 19.48 -16.08
CA ALA D 192 -8.00 19.59 -17.50
C ALA D 192 -7.71 18.26 -18.17
N ASN D 193 -8.07 18.19 -19.47
CA ASN D 193 -7.76 16.98 -20.24
C ASN D 193 -6.32 17.21 -20.73
N VAL D 194 -5.40 16.35 -20.31
CA VAL D 194 -3.97 16.50 -20.61
C VAL D 194 -3.46 15.17 -21.14
N ASP D 195 -2.85 15.18 -22.32
N ASP D 195 -2.84 15.18 -22.30
CA ASP D 195 -2.30 13.96 -22.90
CA ASP D 195 -2.31 13.96 -22.91
C ASP D 195 -0.83 13.84 -22.56
C ASP D 195 -0.83 13.85 -22.57
N LEU D 196 -0.51 13.04 -21.57
CA LEU D 196 0.86 12.95 -21.10
C LEU D 196 1.81 12.41 -22.15
N LYS D 197 1.33 11.48 -22.98
CA LYS D 197 2.12 10.92 -24.05
C LYS D 197 2.63 11.92 -25.04
N SER D 198 1.83 12.93 -25.34
CA SER D 198 2.28 13.92 -26.30
C SER D 198 3.03 15.05 -25.67
N ALA D 199 2.88 15.28 -24.35
CA ALA D 199 3.54 16.41 -23.67
C ALA D 199 4.93 16.09 -23.10
N LEU D 200 5.15 14.83 -22.75
CA LEU D 200 6.34 14.44 -22.00
C LEU D 200 7.01 13.20 -22.57
N PRO D 201 8.29 12.99 -22.27
CA PRO D 201 8.94 11.74 -22.59
C PRO D 201 8.41 10.57 -21.71
N GLU D 202 8.77 9.34 -22.08
CA GLU D 202 8.31 8.16 -21.36
C GLU D 202 8.71 8.19 -19.88
N TRP D 203 9.92 8.67 -19.62
CA TRP D 203 10.45 8.72 -18.28
C TRP D 203 10.56 10.18 -17.88
N VAL D 204 10.16 10.49 -16.64
CA VAL D 204 10.24 11.87 -16.13
C VAL D 204 10.83 11.88 -14.71
N ARG D 205 11.28 13.04 -14.21
CA ARG D 205 11.40 13.28 -12.76
C ARG D 205 10.29 14.22 -12.30
N VAL D 206 9.90 14.08 -11.01
CA VAL D 206 8.82 14.82 -10.46
C VAL D 206 9.28 15.63 -9.26
N GLY D 207 8.60 16.76 -9.01
CA GLY D 207 8.99 17.58 -7.83
C GLY D 207 8.39 18.97 -7.85
N PHE D 208 9.14 19.92 -7.30
CA PHE D 208 8.68 21.24 -7.00
C PHE D 208 9.65 22.28 -7.60
N SER D 209 9.08 23.42 -7.92
CA SER D 209 9.85 24.59 -8.35
C SER D 209 9.20 25.87 -7.82
N ALA D 210 10.02 26.88 -7.47
CA ALA D 210 9.43 28.15 -7.02
C ALA D 210 10.44 29.30 -7.29
N THR D 211 9.87 30.49 -7.44
CA THR D 211 10.64 31.72 -7.60
C THR D 211 10.05 32.86 -6.79
N SER D 212 10.94 33.73 -6.29
CA SER D 212 10.55 35.02 -5.69
C SER D 212 10.67 36.18 -6.72
N GLY D 213 10.13 37.33 -6.36
CA GLY D 213 10.00 38.45 -7.32
C GLY D 213 11.32 39.01 -7.81
N LEU D 214 11.24 39.67 -8.94
CA LEU D 214 12.38 40.23 -9.58
C LEU D 214 12.53 41.68 -9.21
N SER D 215 11.89 42.07 -8.10
CA SER D 215 12.12 43.37 -7.44
C SER D 215 12.24 43.14 -5.92
N ARG D 216 13.01 44.02 -5.26
CA ARG D 216 13.28 43.90 -3.84
C ARG D 216 12.04 43.84 -2.98
N ASP D 217 10.99 44.51 -3.41
CA ASP D 217 9.81 44.53 -2.63
C ASP D 217 8.74 43.43 -2.94
N HIS D 218 8.91 42.60 -3.95
CA HIS D 218 7.85 41.57 -4.20
C HIS D 218 8.40 40.20 -3.72
N VAL D 219 8.32 39.93 -2.41
CA VAL D 219 9.02 38.76 -1.88
C VAL D 219 8.07 37.91 -1.05
N GLU D 220 8.36 36.61 -0.97
CA GLU D 220 7.54 35.67 -0.22
C GLU D 220 8.19 34.29 -0.22
N THR D 221 7.92 33.53 0.83
CA THR D 221 8.53 32.16 0.96
C THR D 221 7.74 31.16 0.10
N HIS D 222 8.35 30.02 -0.17
CA HIS D 222 7.74 28.90 -0.87
C HIS D 222 8.26 27.64 -0.20
N ASP D 223 7.57 27.22 0.85
CA ASP D 223 8.04 26.13 1.74
C ASP D 223 7.11 24.87 1.60
N VAL D 224 7.68 23.69 1.41
CA VAL D 224 6.88 22.46 1.30
C VAL D 224 7.14 21.66 2.60
N LEU D 225 6.11 21.20 3.28
CA LEU D 225 6.26 20.63 4.59
C LEU D 225 6.26 19.09 4.61
N ASP D 226 5.64 18.49 3.59
CA ASP D 226 5.59 17.04 3.44
C ASP D 226 5.32 16.67 1.98
N TRP D 227 5.32 15.38 1.66
CA TRP D 227 5.07 14.98 0.29
C TRP D 227 4.85 13.50 0.21
N SER D 228 3.76 13.12 -0.45
CA SER D 228 3.55 11.72 -0.82
C SER D 228 3.25 11.64 -2.34
N PHE D 229 3.74 10.56 -2.96
CA PHE D 229 3.55 10.34 -4.41
C PHE D 229 3.40 8.80 -4.68
N THR D 230 2.55 8.49 -5.62
CA THR D 230 2.39 7.12 -6.10
C THR D 230 2.07 7.14 -7.59
N SER D 231 2.67 6.26 -8.34
CA SER D 231 2.32 6.08 -9.76
C SER D 231 2.24 4.62 -10.09
N THR D 232 1.31 4.26 -10.97
CA THR D 232 1.23 2.90 -11.51
C THR D 232 1.12 2.92 -13.04
N LEU D 233 2.02 2.19 -13.68
CA LEU D 233 2.05 2.00 -15.11
C LEU D 233 1.59 0.55 -15.32
N GLN D 234 0.41 0.39 -15.85
CA GLN D 234 -0.10 -0.92 -16.10
C GLN D 234 -0.94 -0.95 -17.39
N ALA D 235 -1.24 -2.13 -17.86
CA ALA D 235 -2.07 -2.21 -19.03
C ALA D 235 -3.47 -1.65 -18.71
N PRO D 236 -4.07 -0.90 -19.65
CA PRO D 236 -5.45 -0.44 -19.52
C PRO D 236 -6.41 -1.58 -19.15
N SER D 237 -7.43 -1.25 -18.35
CA SER D 237 -8.44 -2.24 -17.94
C SER D 237 -9.39 -2.41 -19.11
N ASP D 238 -9.64 -3.66 -19.52
CA ASP D 238 -10.56 -3.96 -20.59
C ASP D 238 -11.99 -4.26 -20.16
N ASP D 239 -12.25 -4.32 -18.84
CA ASP D 239 -13.58 -4.80 -18.39
C ASP D 239 -14.19 -3.85 -17.38
N SER D 240 -13.74 -2.60 -17.31
CA SER D 240 -14.38 -1.67 -16.34
C SER D 240 -15.57 -0.93 -16.98
N ASN D 241 -16.31 -0.14 -16.22
CA ASN D 241 -17.07 0.95 -16.93
C ASN D 241 -16.18 1.94 -17.74
C1 GLC E . -7.38 -39.34 28.09
C2 GLC E . -6.06 -38.59 28.34
C3 GLC E . -5.86 -37.38 27.44
C4 GLC E . -6.42 -37.60 26.03
C5 GLC E . -7.79 -38.27 26.02
C6 GLC E . -7.75 -39.56 25.22
O1 GLC E . -7.97 -39.68 29.33
O2 GLC E . -6.02 -38.17 29.70
O3 GLC E . -4.46 -37.08 27.35
O4 GLC E . -6.49 -36.35 25.35
O5 GLC E . -8.30 -38.54 27.33
O6 GLC E . -8.96 -39.69 24.45
C1 GAL E . -5.25 -36.01 24.72
C2 GAL E . -5.53 -35.34 23.39
C3 GAL E . -4.23 -34.87 22.72
C4 GAL E . -3.38 -34.08 23.71
C5 GAL E . -3.23 -34.83 25.03
C6 GAL E . -2.43 -34.01 26.03
O2 GAL E . -6.20 -36.27 22.51
O3 GAL E . -4.55 -34.06 21.59
O4 GAL E . -3.98 -32.81 23.95
O5 GAL E . -4.53 -35.12 25.56
O6 GAL E . -2.25 -34.76 27.23
C1 GLC F . -46.18 16.56 -2.31
C2 GLC F . -45.70 15.58 -3.39
C3 GLC F . -44.35 14.89 -3.14
C4 GLC F . -43.50 15.63 -2.11
C5 GLC F . -44.34 15.84 -0.86
C6 GLC F . -43.62 16.72 0.12
O1 GLC F . -47.60 16.61 -2.25
O2 GLC F . -46.69 14.65 -3.74
O3 GLC F . -43.69 14.86 -4.38
O4 GLC F . -42.38 14.86 -1.77
O5 GLC F . -45.63 16.38 -1.04
O6 GLC F . -43.36 17.99 -0.44
C1 GAL F . -41.20 15.17 -2.44
C2 GAL F . -40.00 14.79 -1.54
C3 GAL F . -38.68 15.13 -2.24
C4 GAL F . -38.71 14.54 -3.65
C5 GAL F . -39.99 14.96 -4.37
C6 GAL F . -39.97 14.56 -5.81
O2 GAL F . -40.06 15.37 -0.27
O3 GAL F . -37.64 14.74 -1.37
O4 GAL F . -38.68 13.15 -3.69
O5 GAL F . -41.14 14.53 -3.68
O6 GAL F . -41.11 14.98 -6.48
C1 GLC G . 43.08 -20.00 -12.09
C2 GLC G . 41.80 -20.80 -12.34
C3 GLC G . 40.58 -20.04 -11.85
C4 GLC G . 40.78 -19.53 -10.44
C5 GLC G . 42.11 -18.80 -10.29
C6 GLC G . 42.35 -18.35 -8.86
O1 GLC G . 43.04 -18.79 -12.87
O2 GLC G . 41.68 -21.07 -13.74
O3 GLC G . 39.44 -20.91 -11.89
O4 GLC G . 39.72 -18.64 -10.09
O5 GLC G . 43.18 -19.67 -10.71
O6 GLC G . 42.11 -16.95 -8.75
C1 GAL G . 38.58 -19.34 -9.57
C2 GAL G . 37.75 -18.39 -8.72
C3 GAL G . 36.48 -19.08 -8.24
C4 GAL G . 35.75 -19.76 -9.40
C5 GAL G . 36.71 -20.63 -10.21
C6 GAL G . 36.01 -21.26 -11.41
O2 GAL G . 38.51 -17.96 -7.60
O3 GAL G . 35.61 -18.11 -7.65
O4 GAL G . 35.17 -18.77 -10.25
O5 GAL G . 37.80 -19.83 -10.67
O6 GAL G . 36.87 -22.21 -12.02
C1 GLC H . 11.81 45.55 -14.01
C2 GLC H . 11.06 45.38 -12.70
C3 GLC H . 10.79 43.91 -12.40
C4 GLC H . 10.18 43.22 -13.62
C5 GLC H . 10.99 43.51 -14.88
C6 GLC H . 10.33 42.88 -16.11
O1 GLC H . 13.11 44.93 -13.91
O2 GLC H . 11.84 45.94 -11.64
O3 GLC H . 9.90 43.80 -11.29
O4 GLC H . 10.14 41.81 -13.40
O5 GLC H . 11.08 44.92 -15.06
O6 GLC H . 9.25 43.72 -16.56
C1 GAL H . 8.91 41.39 -12.81
C2 GAL H . 8.66 39.93 -13.13
C3 GAL H . 7.40 39.42 -12.44
C4 GAL H . 7.41 39.78 -10.95
C5 GAL H . 7.74 41.27 -10.76
C6 GAL H . 7.82 41.61 -9.28
O2 GAL H . 8.51 39.78 -14.55
O3 GAL H . 7.31 38.00 -12.58
O4 GAL H . 8.39 38.99 -10.28
O5 GAL H . 8.98 41.56 -11.39
O6 GAL H . 8.11 43.00 -9.13
CA CA I . -0.93 -32.73 17.10
MN MN J . 0.19 -32.13 13.12
CA CA K . -32.49 17.32 -1.19
MN MN L . -29.03 18.80 0.64
CA CA M . 31.74 -18.79 -3.36
MN MN N . 29.70 -18.03 0.21
CA CA O . 2.51 34.74 -12.74
MN MN P . -0.12 31.78 -14.15
#